data_3QJ3
#
_entry.id   3QJ3
#
_cell.length_a   51.669
_cell.length_b   52.370
_cell.length_c   59.716
_cell.angle_alpha   91.28
_cell.angle_beta   91.55
_cell.angle_gamma   109.59
#
_symmetry.space_group_name_H-M   'P 1'
#
loop_
_entity.id
_entity.type
_entity.pdbx_description
1 polymer 'Cathepsin L-like protein'
2 non-polymer 'ACETATE ION'
3 water water
#
_entity_poly.entity_id   1
_entity_poly.type   'polypeptide(L)'
_entity_poly.pdbx_seq_one_letter_code
;MHHHHHHLEGSALPSTFVAEKWENFKTTYARSYVNAKEETFRKQIFQKKLETFEEHNEKYRQGLVSYTLGVNLFTDMTPE
EMKAYTHGLIMPADLHKNGIPIKTREDLGLNASVRYPASFDWRDQGMVSPVKNQGSCGSSWAFSSTGAIESQMKIANGAG
YDSSVSEQQLVDCVPNALGCSGGWMNDAFTYVAQNGGIDSEGAYPYEMADGNCHYDPNQVAARLSGYVYLSGPDENMLAD
MVATKGPVAVAFDADDPFGSYSGGVYYNPTCETNKFTHAVLIVGYGNENGQDYWLVKNSWGDGWGLDGYFKIARNANNHC
GIAGVASVPTL
;
_entity_poly.pdbx_strand_id   A,B
#
# COMPACT_ATOMS: atom_id res chain seq x y z
N LEU A 13 -4.19 -24.27 -13.49
CA LEU A 13 -5.14 -23.14 -13.23
C LEU A 13 -6.18 -23.06 -14.35
N PRO A 14 -7.47 -22.93 -13.98
CA PRO A 14 -8.55 -22.78 -14.97
C PRO A 14 -8.26 -21.64 -15.94
N SER A 15 -8.62 -21.83 -17.20
CA SER A 15 -8.22 -20.92 -18.27
C SER A 15 -8.89 -19.57 -18.18
N THR A 16 -10.16 -19.55 -17.80
CA THR A 16 -10.90 -18.28 -17.70
C THR A 16 -10.42 -17.49 -16.49
N PHE A 17 -9.99 -18.21 -15.46
CA PHE A 17 -9.32 -17.61 -14.30
C PHE A 17 -8.05 -16.86 -14.74
N VAL A 18 -7.18 -17.55 -15.48
CA VAL A 18 -5.98 -16.92 -16.03
C VAL A 18 -6.35 -15.71 -16.89
N ALA A 19 -7.36 -15.88 -17.76
CA ALA A 19 -7.78 -14.84 -18.67
C ALA A 19 -8.22 -13.58 -17.91
N GLU A 20 -8.97 -13.78 -16.82
CA GLU A 20 -9.40 -12.68 -15.95
C GLU A 20 -8.24 -12.00 -15.23
N LYS A 21 -7.38 -12.82 -14.61
CA LYS A 21 -6.15 -12.34 -13.97
C LYS A 21 -5.26 -11.59 -14.98
N TRP A 22 -5.24 -12.09 -16.21
CA TRP A 22 -4.50 -11.46 -17.31
C TRP A 22 -5.10 -10.11 -17.70
N GLU A 23 -6.40 -10.05 -17.96
CA GLU A 23 -7.07 -8.77 -18.22
C GLU A 23 -6.82 -7.76 -17.10
N ASN A 24 -6.94 -8.21 -15.86
CA ASN A 24 -6.64 -7.35 -14.71
C ASN A 24 -5.21 -6.84 -14.71
N PHE A 25 -4.26 -7.72 -15.01
CA PHE A 25 -2.85 -7.32 -15.12
C PHE A 25 -2.62 -6.21 -16.16
N LYS A 26 -3.15 -6.39 -17.35
CA LYS A 26 -2.94 -5.42 -18.44
C LYS A 26 -3.47 -4.05 -18.04
N THR A 27 -4.66 -4.06 -17.44
CA THR A 27 -5.29 -2.84 -16.96
C THR A 27 -4.45 -2.18 -15.87
N THR A 28 -4.07 -2.95 -14.85
CA THR A 28 -3.35 -2.39 -13.70
C THR A 28 -1.95 -1.88 -14.05
N TYR A 29 -1.24 -2.60 -14.91
CA TYR A 29 0.11 -2.19 -15.27
C TYR A 29 0.17 -1.48 -16.63
N ALA A 30 -1.01 -1.10 -17.12
CA ALA A 30 -1.18 -0.29 -18.33
C ALA A 30 -0.40 -0.85 -19.53
N ARG A 31 -0.61 -2.13 -19.81
CA ARG A 31 0.05 -2.81 -20.89
C ARG A 31 -0.65 -2.46 -22.19
N SER A 32 0.14 -2.20 -23.22
CA SER A 32 -0.40 -1.94 -24.54
C SER A 32 0.13 -3.00 -25.51
N TYR A 33 -0.67 -4.05 -25.69
CA TYR A 33 -0.33 -5.11 -26.64
C TYR A 33 -1.30 -5.03 -27.81
N VAL A 34 -0.75 -4.61 -28.96
CA VAL A 34 -1.53 -4.02 -30.06
C VAL A 34 -1.81 -4.95 -31.23
N ASN A 35 -1.41 -6.22 -31.11
CA ASN A 35 -1.88 -7.28 -32.02
C ASN A 35 -1.88 -8.64 -31.31
N ALA A 36 -2.63 -9.58 -31.89
CA ALA A 36 -2.78 -10.93 -31.35
C ALA A 36 -1.46 -11.63 -31.01
N LYS A 37 -0.45 -11.41 -31.85
CA LYS A 37 0.85 -12.05 -31.69
C LYS A 37 1.63 -11.52 -30.48
N GLU A 38 1.65 -10.20 -30.31
CA GLU A 38 2.22 -9.58 -29.10
C GLU A 38 1.48 -10.07 -27.85
N GLU A 39 0.16 -10.09 -27.95
CA GLU A 39 -0.73 -10.55 -26.90
C GLU A 39 -0.47 -12.01 -26.50
N THR A 40 -0.47 -12.90 -27.49
CA THR A 40 -0.24 -14.33 -27.25
C THR A 40 1.08 -14.55 -26.54
N PHE A 41 2.12 -13.90 -27.04
CA PHE A 41 3.48 -13.98 -26.48
C PHE A 41 3.53 -13.56 -25.01
N ARG A 42 2.97 -12.39 -24.71
CA ARG A 42 3.03 -11.85 -23.34
C ARG A 42 2.17 -12.66 -22.37
N LYS A 43 0.99 -13.09 -22.84
CA LYS A 43 0.11 -13.91 -22.01
C LYS A 43 0.70 -15.29 -21.73
N GLN A 44 1.47 -15.82 -22.69
CA GLN A 44 2.23 -17.06 -22.51
C GLN A 44 3.23 -16.92 -21.35
N ILE A 45 4.05 -15.85 -21.40
CA ILE A 45 4.99 -15.55 -20.31
C ILE A 45 4.26 -15.48 -18.98
N PHE A 46 3.19 -14.68 -18.95
CA PHE A 46 2.38 -14.44 -17.76
C PHE A 46 1.81 -15.74 -17.20
N GLN A 47 1.24 -16.57 -18.08
CA GLN A 47 0.61 -17.79 -17.63
C GLN A 47 1.62 -18.80 -17.10
N LYS A 48 2.75 -18.91 -17.77
CA LYS A 48 3.83 -19.78 -17.29
C LYS A 48 4.28 -19.32 -15.91
N LYS A 49 4.47 -18.01 -15.72
CA LYS A 49 4.86 -17.51 -14.40
C LYS A 49 3.83 -17.80 -13.33
N LEU A 50 2.54 -17.66 -13.65
CA LEU A 50 1.45 -18.02 -12.72
C LEU A 50 1.51 -19.47 -12.27
N GLU A 51 1.77 -20.37 -13.19
CA GLU A 51 1.95 -21.78 -12.86
C GLU A 51 3.10 -21.96 -11.85
N THR A 52 4.22 -21.29 -12.10
CA THR A 52 5.38 -21.39 -11.20
C THR A 52 5.09 -20.85 -9.82
N PHE A 53 4.30 -19.77 -9.74
CA PHE A 53 3.87 -19.22 -8.43
C PHE A 53 3.00 -20.21 -7.66
N GLU A 54 2.01 -20.80 -8.34
CA GLU A 54 1.14 -21.80 -7.73
C GLU A 54 1.92 -22.97 -7.13
N GLU A 55 2.84 -23.51 -7.93
CA GLU A 55 3.74 -24.59 -7.48
C GLU A 55 4.62 -24.15 -6.31
N HIS A 56 5.29 -23.01 -6.46
CA HIS A 56 6.11 -22.45 -5.38
C HIS A 56 5.30 -22.20 -4.11
N ASN A 57 4.18 -21.50 -4.24
CA ASN A 57 3.34 -21.16 -3.10
C ASN A 57 2.75 -22.39 -2.39
N GLU A 58 2.70 -23.50 -3.13
CA GLU A 58 2.31 -24.80 -2.57
C GLU A 58 3.44 -25.37 -1.72
N LYS A 59 4.66 -25.35 -2.25
CA LYS A 59 5.82 -25.75 -1.47
C LYS A 59 5.98 -24.88 -0.22
N TYR A 60 5.51 -23.65 -0.31
CA TYR A 60 5.52 -22.73 0.82
C TYR A 60 4.55 -23.15 1.93
N ARG A 61 3.30 -23.40 1.58
CA ARG A 61 2.28 -23.83 2.55
CA ARG A 61 2.31 -23.79 2.59
C ARG A 61 2.63 -25.16 3.19
N GLN A 62 3.39 -25.98 2.45
CA GLN A 62 3.92 -27.26 2.94
C GLN A 62 5.23 -27.07 3.73
N GLY A 63 5.64 -25.81 3.93
CA GLY A 63 6.84 -25.48 4.69
C GLY A 63 8.13 -25.98 4.08
N LEU A 64 8.17 -26.05 2.75
CA LEU A 64 9.38 -26.44 2.02
C LEU A 64 10.24 -25.23 1.63
N VAL A 65 9.60 -24.07 1.53
CA VAL A 65 10.26 -22.80 1.24
C VAL A 65 9.72 -21.69 2.17
N SER A 66 10.46 -20.61 2.35
CA SER A 66 10.12 -19.59 3.36
C SER A 66 9.41 -18.33 2.83
N TYR A 67 9.26 -18.23 1.51
CA TYR A 67 8.73 -17.02 0.92
C TYR A 67 7.75 -17.35 -0.20
N THR A 68 6.87 -16.40 -0.51
CA THR A 68 5.90 -16.54 -1.58
C THR A 68 6.30 -15.76 -2.85
N LEU A 69 5.74 -16.19 -3.99
CA LEU A 69 5.89 -15.49 -5.26
C LEU A 69 4.53 -14.96 -5.66
N GLY A 70 4.51 -13.82 -6.37
CA GLY A 70 3.25 -13.22 -6.77
C GLY A 70 3.34 -12.34 -8.00
N VAL A 71 2.20 -11.86 -8.45
CA VAL A 71 2.10 -11.02 -9.62
C VAL A 71 2.65 -9.64 -9.26
N ASN A 72 3.41 -9.06 -10.17
CA ASN A 72 3.94 -7.69 -10.06
C ASN A 72 4.35 -7.19 -11.45
N LEU A 73 5.07 -6.08 -11.51
CA LEU A 73 5.47 -5.48 -12.79
C LEU A 73 6.23 -6.45 -13.71
N PHE A 74 6.83 -7.50 -13.14
CA PHE A 74 7.72 -8.39 -13.91
C PHE A 74 7.02 -9.57 -14.59
N THR A 75 5.75 -9.78 -14.26
CA THR A 75 5.09 -11.05 -14.55
C THR A 75 4.94 -11.35 -16.04
N ASP A 76 4.87 -10.32 -16.88
CA ASP A 76 4.84 -10.54 -18.33
C ASP A 76 6.17 -10.16 -19.03
N MET A 77 7.22 -9.94 -18.23
CA MET A 77 8.51 -9.52 -18.78
C MET A 77 9.42 -10.70 -19.07
N THR A 78 10.25 -10.51 -20.09
CA THR A 78 11.30 -11.46 -20.47
C THR A 78 12.55 -11.24 -19.60
N PRO A 79 13.45 -12.25 -19.54
CA PRO A 79 14.73 -12.07 -18.83
C PRO A 79 15.50 -10.83 -19.29
N GLU A 80 15.47 -10.54 -20.59
CA GLU A 80 16.19 -9.39 -21.16
CA GLU A 80 16.21 -9.40 -21.13
C GLU A 80 15.63 -8.08 -20.63
N GLU A 81 14.31 -8.00 -20.53
CA GLU A 81 13.64 -6.80 -20.00
C GLU A 81 13.83 -6.64 -18.49
N MET A 82 13.93 -7.76 -17.76
CA MET A 82 14.12 -7.72 -16.31
C MET A 82 15.56 -7.41 -15.91
N LYS A 83 16.49 -7.65 -16.85
CA LYS A 83 17.91 -7.47 -16.58
C LYS A 83 18.24 -6.09 -16.00
N ALA A 84 17.63 -5.04 -16.57
CA ALA A 84 17.86 -3.67 -16.09
C ALA A 84 17.56 -3.54 -14.60
N TYR A 85 16.47 -4.16 -14.17
CA TYR A 85 16.01 -4.08 -12.78
C TYR A 85 16.85 -4.92 -11.84
N THR A 86 17.14 -6.16 -12.22
CA THR A 86 17.70 -7.15 -11.29
C THR A 86 19.21 -7.34 -11.40
N HIS A 87 19.79 -6.89 -12.51
CA HIS A 87 21.19 -7.21 -12.80
C HIS A 87 21.93 -6.02 -13.34
N GLY A 88 21.68 -4.85 -12.75
CA GLY A 88 22.23 -3.62 -13.25
C GLY A 88 23.55 -3.20 -12.64
N LEU A 89 23.98 -3.89 -11.57
CA LEU A 89 25.23 -3.56 -10.86
C LEU A 89 26.48 -3.89 -11.66
N ILE A 90 27.53 -3.09 -11.47
CA ILE A 90 28.84 -3.37 -12.08
C ILE A 90 29.93 -3.18 -11.04
N MET A 91 30.59 -4.27 -10.68
N MET A 91 30.59 -4.28 -10.67
CA MET A 91 31.66 -4.24 -9.69
CA MET A 91 31.68 -4.26 -9.71
C MET A 91 32.96 -3.67 -10.28
C MET A 91 32.96 -3.66 -10.32
N PRO A 92 33.45 -2.55 -9.73
CA PRO A 92 34.68 -1.93 -10.21
C PRO A 92 35.92 -2.67 -9.69
N ALA A 93 37.11 -2.20 -10.08
CA ALA A 93 38.36 -2.80 -9.61
C ALA A 93 38.50 -2.74 -8.09
N ASP A 94 38.31 -1.54 -7.54
CA ASP A 94 38.39 -1.29 -6.11
C ASP A 94 36.98 -1.12 -5.56
N LEU A 95 36.59 -2.03 -4.68
CA LEU A 95 35.22 -2.08 -4.20
C LEU A 95 34.88 -0.98 -3.19
N HIS A 96 35.89 -0.31 -2.67
CA HIS A 96 35.69 0.70 -1.64
C HIS A 96 36.68 1.84 -1.71
N LYS A 97 36.67 2.53 -2.84
CA LYS A 97 37.54 3.69 -3.06
C LYS A 97 37.27 4.79 -2.04
N ASN A 98 38.30 5.13 -1.26
CA ASN A 98 38.24 6.22 -0.27
C ASN A 98 37.34 5.93 0.95
N GLY A 99 36.86 4.69 1.06
CA GLY A 99 36.00 4.31 2.19
C GLY A 99 36.77 4.10 3.48
N ILE A 100 36.07 4.22 4.61
CA ILE A 100 36.64 3.95 5.93
C ILE A 100 36.13 2.58 6.43
N PRO A 101 37.05 1.64 6.69
CA PRO A 101 36.68 0.28 7.10
C PRO A 101 36.13 0.19 8.52
N ILE A 102 35.04 -0.57 8.66
CA ILE A 102 34.49 -0.96 9.95
C ILE A 102 34.86 -2.42 10.18
N LYS A 103 35.82 -2.63 11.07
CA LYS A 103 36.34 -3.97 11.36
C LYS A 103 35.79 -4.48 12.70
N THR A 104 35.73 -3.57 13.67
CA THR A 104 35.23 -3.88 15.01
C THR A 104 34.13 -2.86 15.38
N ARG A 105 33.50 -3.09 16.53
CA ARG A 105 32.46 -2.19 17.02
C ARG A 105 33.02 -0.84 17.48
N GLU A 106 34.27 -0.83 17.90
CA GLU A 106 34.99 0.37 18.30
C GLU A 106 35.19 1.32 17.11
N ASP A 107 35.26 0.73 15.92
CA ASP A 107 35.36 1.48 14.67
C ASP A 107 34.06 2.27 14.41
N LEU A 108 32.95 1.77 14.96
CA LEU A 108 31.67 2.46 14.90
C LEU A 108 31.57 3.58 15.94
N GLY A 109 32.53 3.60 16.87
CA GLY A 109 32.53 4.56 17.98
C GLY A 109 31.61 4.10 19.09
N LEU A 110 31.52 2.79 19.27
CA LEU A 110 30.63 2.17 20.26
C LEU A 110 31.37 1.28 21.25
N ASN A 111 30.78 1.11 22.42
CA ASN A 111 31.40 0.35 23.52
C ASN A 111 31.31 -1.17 23.35
N ALA A 112 32.02 -1.89 24.22
CA ALA A 112 31.92 -3.35 24.25
C ALA A 112 30.87 -3.80 25.27
N SER A 113 30.12 -4.83 24.88
CA SER A 113 29.09 -5.45 25.74
C SER A 113 27.87 -4.56 26.06
N VAL A 114 27.60 -3.59 25.19
CA VAL A 114 26.27 -3.00 25.11
C VAL A 114 25.55 -3.85 24.06
N ARG A 115 24.22 -3.87 24.13
CA ARG A 115 23.47 -4.81 23.33
C ARG A 115 22.17 -4.23 22.77
N TYR A 116 22.19 -3.94 21.48
CA TYR A 116 21.08 -3.30 20.77
C TYR A 116 19.92 -4.26 20.57
N PRO A 117 18.70 -3.73 20.30
CA PRO A 117 17.52 -4.60 20.28
C PRO A 117 17.64 -5.67 19.20
N ALA A 118 17.11 -6.85 19.49
CA ALA A 118 17.18 -8.01 18.60
C ALA A 118 16.33 -7.84 17.34
N SER A 119 15.35 -6.93 17.40
CA SER A 119 14.55 -6.55 16.22
C SER A 119 14.55 -5.03 16.10
N PHE A 120 14.51 -4.52 14.88
CA PHE A 120 14.63 -3.07 14.65
C PHE A 120 14.08 -2.69 13.27
N ASP A 121 13.52 -1.49 13.15
CA ASP A 121 12.98 -1.00 11.88
C ASP A 121 13.04 0.54 11.85
N TRP A 122 13.88 1.11 10.98
CA TRP A 122 14.05 2.56 10.91
C TRP A 122 12.75 3.33 10.58
N ARG A 123 11.79 2.64 9.98
CA ARG A 123 10.49 3.23 9.67
C ARG A 123 9.73 3.58 10.94
N ASP A 124 9.96 2.81 12.02
CA ASP A 124 9.30 3.09 13.32
C ASP A 124 9.71 4.46 13.88
N GLN A 125 10.84 4.98 13.40
CA GLN A 125 11.34 6.30 13.79
C GLN A 125 11.15 7.34 12.68
N GLY A 126 10.53 6.92 11.56
CA GLY A 126 10.30 7.79 10.40
C GLY A 126 11.53 8.21 9.60
N MET A 127 12.57 7.39 9.63
CA MET A 127 13.86 7.78 9.03
C MET A 127 14.11 7.22 7.64
N VAL A 128 13.08 6.60 7.05
CA VAL A 128 13.20 6.07 5.69
C VAL A 128 12.35 6.90 4.73
N SER A 129 12.94 7.39 3.64
CA SER A 129 12.20 8.14 2.63
C SER A 129 11.26 7.19 1.84
N PRO A 130 10.25 7.74 1.11
CA PRO A 130 9.35 6.87 0.33
C PRO A 130 10.05 5.96 -0.67
N VAL A 131 9.40 4.84 -1.01
CA VAL A 131 9.91 3.92 -2.02
C VAL A 131 9.80 4.56 -3.40
N LYS A 132 10.85 4.42 -4.21
CA LYS A 132 10.89 4.97 -5.55
C LYS A 132 10.90 3.83 -6.56
N ASN A 133 10.72 4.16 -7.84
CA ASN A 133 10.78 3.17 -8.92
C ASN A 133 11.84 3.56 -9.94
N GLN A 134 12.87 2.72 -10.06
CA GLN A 134 13.95 3.00 -11.00
C GLN A 134 13.54 2.81 -12.47
N GLY A 135 12.43 2.12 -12.70
CA GLY A 135 12.01 1.75 -14.06
C GLY A 135 13.05 1.00 -14.90
N SER A 136 12.97 1.16 -16.22
CA SER A 136 13.80 0.40 -17.15
CA SER A 136 13.81 0.40 -17.16
C SER A 136 15.20 1.02 -17.35
N CYS A 137 15.89 1.29 -16.25
CA CYS A 137 17.27 1.79 -16.26
C CYS A 137 17.99 1.12 -15.11
N GLY A 138 19.11 0.47 -15.40
CA GLY A 138 19.86 -0.33 -14.41
C GLY A 138 20.56 0.57 -13.43
N SER A 139 19.78 1.31 -12.66
CA SER A 139 20.31 2.35 -11.79
C SER A 139 20.09 2.02 -10.31
N SER A 140 19.88 0.75 -9.98
CA SER A 140 19.68 0.39 -8.56
C SER A 140 20.83 0.90 -7.68
N TRP A 141 22.04 0.94 -8.23
CA TRP A 141 23.22 1.43 -7.51
C TRP A 141 23.00 2.89 -7.07
N ALA A 142 22.34 3.66 -7.93
CA ALA A 142 22.05 5.05 -7.61
C ALA A 142 20.94 5.18 -6.59
N PHE A 143 19.90 4.35 -6.68
CA PHE A 143 18.79 4.41 -5.75
C PHE A 143 19.18 3.91 -4.36
N SER A 144 19.97 2.86 -4.32
CA SER A 144 20.55 2.40 -3.05
C SER A 144 21.31 3.54 -2.38
N SER A 145 22.15 4.20 -3.17
CA SER A 145 22.94 5.35 -2.69
C SER A 145 22.09 6.52 -2.22
N THR A 146 21.11 6.95 -3.02
CA THR A 146 20.31 8.11 -2.61
C THR A 146 19.48 7.76 -1.38
N GLY A 147 18.96 6.54 -1.36
CA GLY A 147 18.15 6.08 -0.23
C GLY A 147 18.89 6.20 1.09
N ALA A 148 20.16 5.78 1.08
CA ALA A 148 21.00 5.81 2.26
C ALA A 148 21.37 7.25 2.66
N ILE A 149 21.66 8.09 1.67
CA ILE A 149 21.89 9.54 1.93
C ILE A 149 20.64 10.19 2.54
N GLU A 150 19.47 9.88 2.00
CA GLU A 150 18.20 10.47 2.46
C GLU A 150 17.88 10.06 3.89
N SER A 151 18.18 8.79 4.23
CA SER A 151 17.99 8.33 5.59
C SER A 151 18.99 9.02 6.53
N GLN A 152 20.19 9.30 6.06
CA GLN A 152 21.15 10.04 6.90
C GLN A 152 20.62 11.44 7.18
N MET A 153 20.07 12.09 6.15
N MET A 153 20.06 12.09 6.16
CA MET A 153 19.51 13.44 6.28
CA MET A 153 19.52 13.44 6.32
C MET A 153 18.39 13.49 7.33
C MET A 153 18.39 13.50 7.34
N LYS A 154 17.53 12.49 7.32
CA LYS A 154 16.40 12.41 8.28
C LYS A 154 16.89 12.14 9.69
N ILE A 155 17.91 11.30 9.81
CA ILE A 155 18.49 11.02 11.12
C ILE A 155 19.07 12.32 11.71
N ALA A 156 19.79 13.09 10.90
CA ALA A 156 20.40 14.34 11.35
C ALA A 156 19.41 15.48 11.54
N ASN A 157 18.37 15.53 10.73
CA ASN A 157 17.45 16.67 10.72
C ASN A 157 16.04 16.40 11.25
N GLY A 158 15.71 15.13 11.51
CA GLY A 158 14.38 14.75 11.97
C GLY A 158 13.55 14.04 10.92
N ALA A 159 12.71 13.13 11.39
CA ALA A 159 11.90 12.29 10.52
C ALA A 159 11.09 13.08 9.48
N GLY A 160 10.64 14.27 9.87
CA GLY A 160 9.80 15.10 9.01
C GLY A 160 10.57 15.96 8.02
N TYR A 161 11.89 15.80 7.99
CA TYR A 161 12.73 16.54 7.06
C TYR A 161 12.55 15.96 5.64
N ASP A 162 12.14 16.83 4.72
CA ASP A 162 11.98 16.48 3.31
C ASP A 162 13.35 16.20 2.69
N SER A 163 13.70 14.92 2.63
CA SER A 163 14.96 14.51 2.02
C SER A 163 14.71 13.66 0.80
N SER A 164 14.98 14.25 -0.37
CA SER A 164 14.85 13.58 -1.64
C SER A 164 15.96 14.11 -2.53
N VAL A 165 16.96 13.26 -2.79
CA VAL A 165 18.12 13.66 -3.58
C VAL A 165 18.14 13.00 -4.99
N SER A 166 19.05 13.46 -5.84
CA SER A 166 18.97 13.20 -7.29
C SER A 166 19.70 11.94 -7.81
N GLU A 167 18.95 10.88 -8.12
CA GLU A 167 19.53 9.70 -8.76
C GLU A 167 20.07 10.05 -10.15
N GLN A 168 19.38 10.94 -10.85
CA GLN A 168 19.82 11.35 -12.19
C GLN A 168 21.21 11.96 -12.17
N GLN A 169 21.52 12.75 -11.14
CA GLN A 169 22.85 13.33 -11.02
C GLN A 169 23.93 12.25 -10.96
N LEU A 170 23.67 11.20 -10.21
CA LEU A 170 24.61 10.08 -10.14
C LEU A 170 24.72 9.40 -11.50
N VAL A 171 23.57 9.12 -12.12
CA VAL A 171 23.53 8.41 -13.40
C VAL A 171 24.32 9.19 -14.47
N ASP A 172 24.14 10.50 -14.49
CA ASP A 172 24.82 11.38 -15.44
C ASP A 172 26.28 11.67 -15.08
N CYS A 173 26.56 11.84 -13.79
CA CYS A 173 27.81 12.49 -13.38
C CYS A 173 28.89 11.61 -12.76
N VAL A 174 28.53 10.49 -12.13
CA VAL A 174 29.56 9.66 -11.51
C VAL A 174 30.50 9.20 -12.63
N PRO A 175 31.77 9.70 -12.61
CA PRO A 175 32.65 9.57 -13.77
C PRO A 175 32.92 8.14 -14.16
N ASN A 176 33.14 7.26 -13.20
CA ASN A 176 33.40 5.87 -13.55
C ASN A 176 32.36 4.89 -13.03
N ALA A 177 31.11 5.34 -13.14
CA ALA A 177 29.95 4.49 -13.19
C ALA A 177 29.61 4.47 -14.67
N LEU A 178 28.73 3.56 -15.07
CA LEU A 178 28.39 3.42 -16.47
C LEU A 178 26.91 3.72 -16.70
N GLY A 179 26.35 4.58 -15.83
CA GLY A 179 24.99 5.11 -15.97
C GLY A 179 23.85 4.12 -15.81
N CYS A 180 22.94 4.13 -16.78
CA CYS A 180 21.83 3.17 -16.83
C CYS A 180 22.30 1.75 -17.16
N SER A 181 23.57 1.63 -17.55
CA SER A 181 24.20 0.34 -17.82
C SER A 181 24.98 -0.19 -16.61
N GLY A 182 25.03 0.58 -15.52
CA GLY A 182 25.54 0.06 -14.26
C GLY A 182 26.44 0.97 -13.47
N GLY A 183 26.72 0.60 -12.23
CA GLY A 183 27.46 1.46 -11.32
C GLY A 183 27.63 0.78 -9.98
N TRP A 184 28.17 1.54 -9.04
CA TRP A 184 28.58 1.01 -7.74
C TRP A 184 28.34 2.07 -6.66
N MET A 185 27.66 1.70 -5.58
CA MET A 185 27.30 2.66 -4.52
C MET A 185 28.47 3.43 -3.92
N ASN A 186 29.55 2.73 -3.60
CA ASN A 186 30.70 3.38 -2.96
C ASN A 186 31.33 4.43 -3.87
N ASP A 187 31.27 4.20 -5.18
CA ASP A 187 31.70 5.19 -6.16
C ASP A 187 30.77 6.38 -6.20
N ALA A 188 29.47 6.13 -6.01
CA ALA A 188 28.51 7.22 -5.87
C ALA A 188 28.81 8.06 -4.63
N PHE A 189 29.03 7.39 -3.50
CA PHE A 189 29.34 8.10 -2.25
C PHE A 189 30.61 8.95 -2.33
N THR A 190 31.68 8.40 -2.88
CA THR A 190 32.93 9.15 -2.94
C THR A 190 32.84 10.32 -3.94
N TYR A 191 32.07 10.10 -5.01
CA TYR A 191 31.71 11.17 -5.95
C TYR A 191 30.99 12.33 -5.27
N VAL A 192 29.91 12.03 -4.55
CA VAL A 192 29.14 13.09 -3.88
C VAL A 192 30.03 13.90 -2.93
N ALA A 193 30.90 13.21 -2.20
CA ALA A 193 31.76 13.86 -1.24
C ALA A 193 32.77 14.78 -1.95
N GLN A 194 33.33 14.30 -3.07
CA GLN A 194 34.30 15.09 -3.81
C GLN A 194 33.65 16.13 -4.71
N ASN A 195 32.37 15.96 -5.01
CA ASN A 195 31.64 16.90 -5.85
C ASN A 195 31.21 18.16 -5.10
N GLY A 196 31.11 18.03 -3.78
CA GLY A 196 30.65 19.14 -2.94
C GLY A 196 29.15 19.12 -2.74
N GLY A 197 28.51 18.03 -3.15
CA GLY A 197 27.10 17.83 -2.84
C GLY A 197 26.29 17.12 -3.92
N ILE A 198 25.06 16.79 -3.56
CA ILE A 198 24.10 16.17 -4.46
C ILE A 198 22.83 17.00 -4.47
N ASP A 199 22.32 17.26 -5.66
CA ASP A 199 21.12 18.07 -5.85
C ASP A 199 19.90 17.35 -5.29
N SER A 200 18.86 18.13 -5.02
CA SER A 200 17.53 17.61 -4.74
C SER A 200 16.93 16.96 -5.99
N GLU A 201 16.02 16.00 -5.78
CA GLU A 201 15.27 15.35 -6.83
C GLU A 201 14.42 16.35 -7.63
N GLY A 202 13.91 17.39 -6.95
CA GLY A 202 13.17 18.48 -7.61
C GLY A 202 13.99 19.28 -8.61
N ALA A 203 15.22 19.60 -8.25
CA ALA A 203 16.11 20.36 -9.13
C ALA A 203 16.71 19.55 -10.27
N TYR A 204 16.77 18.22 -10.08
CA TYR A 204 17.47 17.36 -11.02
C TYR A 204 16.72 16.02 -11.05
N PRO A 205 15.54 16.02 -11.69
CA PRO A 205 14.61 14.89 -11.61
C PRO A 205 15.04 13.69 -12.44
N TYR A 206 14.49 12.53 -12.08
CA TYR A 206 14.86 11.26 -12.69
C TYR A 206 14.28 11.09 -14.09
N GLU A 207 15.16 10.81 -15.05
CA GLU A 207 14.79 10.71 -16.46
C GLU A 207 14.65 9.27 -16.95
N MET A 208 15.04 8.31 -16.10
CA MET A 208 15.02 6.89 -16.46
C MET A 208 15.82 6.64 -17.75
N ALA A 209 16.86 7.43 -17.95
CA ALA A 209 17.69 7.32 -19.13
C ALA A 209 19.04 7.95 -18.83
N ASP A 210 20.05 7.55 -19.61
CA ASP A 210 21.35 8.19 -19.53
C ASP A 210 21.25 9.66 -19.97
N GLY A 211 22.12 10.48 -19.40
CA GLY A 211 22.11 11.89 -19.74
C GLY A 211 23.48 12.53 -19.60
N ASN A 212 23.50 13.83 -19.86
CA ASN A 212 24.71 14.63 -19.72
C ASN A 212 24.71 15.37 -18.39
N CYS A 213 25.81 15.27 -17.67
CA CYS A 213 25.91 15.88 -16.35
C CYS A 213 25.61 17.38 -16.39
N HIS A 214 24.56 17.78 -15.67
CA HIS A 214 24.26 19.20 -15.45
C HIS A 214 24.02 19.48 -13.97
N TYR A 215 24.98 19.07 -13.14
CA TYR A 215 24.95 19.33 -11.72
C TYR A 215 24.89 20.82 -11.44
N ASP A 216 24.02 21.21 -10.53
CA ASP A 216 23.89 22.61 -10.13
C ASP A 216 24.37 22.78 -8.69
N PRO A 217 25.55 23.43 -8.51
CA PRO A 217 26.09 23.68 -7.16
C PRO A 217 25.24 24.55 -6.22
N ASN A 218 24.24 25.22 -6.78
N ASN A 218 24.25 25.26 -6.77
CA ASN A 218 23.35 26.09 -6.02
CA ASN A 218 23.36 26.06 -5.94
C ASN A 218 22.03 25.41 -5.63
C ASN A 218 22.05 25.38 -5.55
N GLN A 219 21.90 24.12 -5.96
CA GLN A 219 20.71 23.33 -5.64
C GLN A 219 21.02 22.07 -4.82
N VAL A 220 22.18 22.06 -4.16
CA VAL A 220 22.62 20.96 -3.28
C VAL A 220 21.67 20.75 -2.10
N ALA A 221 21.22 19.51 -1.96
CA ALA A 221 20.29 19.11 -0.90
C ALA A 221 20.98 18.37 0.25
N ALA A 222 22.18 17.85 -0.03
CA ALA A 222 22.95 17.06 0.93
C ALA A 222 24.41 17.03 0.55
N ARG A 223 25.26 16.96 1.57
CA ARG A 223 26.70 16.83 1.39
C ARG A 223 27.17 15.63 2.18
N LEU A 224 28.25 15.01 1.72
CA LEU A 224 28.87 13.89 2.43
C LEU A 224 30.31 14.22 2.71
N SER A 225 30.80 13.75 3.85
CA SER A 225 32.24 13.83 4.13
C SER A 225 32.93 12.56 3.64
N GLY A 226 32.15 11.51 3.39
CA GLY A 226 32.68 10.21 3.00
C GLY A 226 31.68 9.10 3.27
N TYR A 227 32.20 7.90 3.52
CA TYR A 227 31.37 6.77 3.91
C TYR A 227 32.18 5.72 4.66
N VAL A 228 31.48 4.87 5.39
CA VAL A 228 32.12 3.75 6.03
C VAL A 228 31.62 2.47 5.37
N TYR A 229 32.44 1.43 5.41
CA TYR A 229 32.01 0.15 4.84
C TYR A 229 32.38 -0.99 5.77
N LEU A 230 31.55 -2.01 5.76
CA LEU A 230 31.76 -3.21 6.55
C LEU A 230 32.84 -4.06 5.89
N SER A 231 33.93 -4.25 6.62
CA SER A 231 35.11 -4.93 6.09
CA SER A 231 35.10 -4.92 6.06
C SER A 231 34.88 -6.38 5.66
N GLY A 232 33.96 -7.06 6.33
CA GLY A 232 33.64 -8.45 6.00
C GLY A 232 32.21 -8.79 6.32
N PRO A 233 31.67 -9.89 5.76
CA PRO A 233 30.25 -10.22 5.90
C PRO A 233 29.88 -10.74 7.29
N ASP A 234 30.02 -9.88 8.29
CA ASP A 234 29.70 -10.19 9.67
C ASP A 234 28.32 -9.63 9.93
N GLU A 235 27.32 -10.52 9.91
CA GLU A 235 25.92 -10.10 9.98
C GLU A 235 25.54 -9.50 11.32
N ASN A 236 26.20 -9.99 12.37
CA ASN A 236 26.04 -9.39 13.69
C ASN A 236 26.48 -7.93 13.77
N MET A 237 27.66 -7.66 13.23
CA MET A 237 28.17 -6.31 13.15
CA MET A 237 28.19 -6.31 13.15
C MET A 237 27.31 -5.46 12.21
N LEU A 238 26.75 -6.10 11.20
CA LEU A 238 25.91 -5.40 10.26
C LEU A 238 24.62 -4.96 10.94
N ALA A 239 24.04 -5.84 11.78
CA ALA A 239 22.86 -5.45 12.55
C ALA A 239 23.19 -4.27 13.46
N ASP A 240 24.36 -4.28 14.08
CA ASP A 240 24.77 -3.16 14.94
C ASP A 240 24.98 -1.89 14.12
N MET A 241 25.54 -2.04 12.92
CA MET A 241 25.73 -0.88 12.06
C MET A 241 24.38 -0.26 11.65
N VAL A 242 23.41 -1.11 11.33
CA VAL A 242 22.05 -0.64 11.02
C VAL A 242 21.47 0.13 12.20
N ALA A 243 21.59 -0.46 13.39
CA ALA A 243 20.97 0.06 14.61
C ALA A 243 21.55 1.41 15.04
N THR A 244 22.83 1.62 14.77
CA THR A 244 23.56 2.76 15.31
C THR A 244 23.92 3.82 14.28
N LYS A 245 24.19 3.39 13.04
CA LYS A 245 24.59 4.32 11.98
C LYS A 245 23.42 4.71 11.09
N GLY A 246 22.54 3.76 10.80
CA GLY A 246 21.38 4.04 9.99
C GLY A 246 21.22 3.03 8.86
N PRO A 247 20.22 3.21 7.99
CA PRO A 247 20.09 2.34 6.83
C PRO A 247 21.39 2.15 6.00
N VAL A 248 21.65 0.88 5.64
CA VAL A 248 22.88 0.47 5.00
C VAL A 248 22.68 0.07 3.55
N ALA A 249 23.46 0.67 2.66
CA ALA A 249 23.45 0.33 1.24
C ALA A 249 24.15 -1.02 1.06
N VAL A 250 23.48 -1.94 0.40
CA VAL A 250 24.02 -3.30 0.23
C VAL A 250 23.70 -3.83 -1.15
N ALA A 251 24.33 -4.96 -1.49
CA ALA A 251 24.08 -5.61 -2.77
C ALA A 251 23.97 -7.12 -2.57
N PHE A 252 23.30 -7.78 -3.50
CA PHE A 252 23.10 -9.21 -3.36
C PHE A 252 22.75 -9.90 -4.68
N ASP A 253 22.66 -11.22 -4.62
CA ASP A 253 22.33 -12.04 -5.78
C ASP A 253 20.82 -12.04 -6.00
N ALA A 254 20.37 -11.25 -6.98
CA ALA A 254 18.95 -11.14 -7.26
C ALA A 254 18.52 -11.95 -8.50
N ASP A 255 19.24 -13.04 -8.78
CA ASP A 255 18.82 -14.01 -9.80
C ASP A 255 17.36 -14.44 -9.57
N ASP A 256 16.65 -14.72 -10.65
CA ASP A 256 15.33 -15.33 -10.58
C ASP A 256 15.33 -16.52 -9.60
N PRO A 257 14.22 -16.71 -8.85
CA PRO A 257 12.98 -15.96 -9.00
C PRO A 257 12.82 -14.76 -8.05
N PHE A 258 13.93 -14.19 -7.56
CA PHE A 258 13.80 -13.09 -6.61
C PHE A 258 12.82 -12.02 -7.07
N GLY A 259 12.94 -11.62 -8.34
CA GLY A 259 12.04 -10.63 -8.93
C GLY A 259 10.58 -10.84 -8.61
N SER A 260 10.14 -12.09 -8.51
CA SER A 260 8.71 -12.37 -8.26
C SER A 260 8.32 -12.60 -6.79
N TYR A 261 9.26 -12.36 -5.88
CA TYR A 261 8.98 -12.35 -4.44
C TYR A 261 7.78 -11.49 -4.09
N SER A 262 6.88 -12.03 -3.27
CA SER A 262 5.69 -11.29 -2.86
C SER A 262 5.49 -11.24 -1.34
N GLY A 263 6.30 -11.97 -0.59
CA GLY A 263 6.14 -11.97 0.86
C GLY A 263 6.91 -13.08 1.54
N GLY A 264 6.95 -13.04 2.87
CA GLY A 264 7.73 -13.99 3.65
C GLY A 264 9.19 -13.61 3.64
N VAL A 265 10.05 -14.57 3.94
CA VAL A 265 11.48 -14.34 4.02
C VAL A 265 12.16 -15.05 2.86
N TYR A 266 12.85 -14.26 2.04
CA TYR A 266 13.54 -14.83 0.89
C TYR A 266 14.75 -15.67 1.30
N TYR A 267 14.73 -16.92 0.86
CA TYR A 267 15.86 -17.83 1.02
C TYR A 267 15.96 -18.69 -0.22
N ASN A 268 17.11 -18.65 -0.87
CA ASN A 268 17.32 -19.38 -2.10
C ASN A 268 18.57 -20.26 -2.01
N PRO A 269 18.37 -21.58 -1.88
CA PRO A 269 19.46 -22.55 -1.70
C PRO A 269 20.60 -22.35 -2.70
N THR A 270 20.26 -21.89 -3.91
CA THR A 270 21.26 -21.71 -4.98
C THR A 270 21.91 -20.33 -5.01
N CYS A 271 21.51 -19.46 -4.08
CA CYS A 271 22.03 -18.10 -4.06
C CYS A 271 23.54 -18.06 -3.81
N GLU A 272 24.21 -17.18 -4.53
CA GLU A 272 25.65 -17.01 -4.40
C GLU A 272 25.94 -15.91 -3.39
N THR A 273 27.10 -16.00 -2.75
CA THR A 273 27.51 -15.00 -1.75
C THR A 273 28.48 -14.02 -2.39
N ASN A 274 28.70 -14.22 -3.69
CA ASN A 274 29.81 -13.66 -4.41
C ASN A 274 29.37 -12.96 -5.69
N LYS A 275 28.05 -12.89 -5.90
CA LYS A 275 27.45 -12.37 -7.12
C LYS A 275 26.51 -11.23 -6.73
N PHE A 276 26.95 -10.01 -6.96
CA PHE A 276 26.21 -8.83 -6.55
C PHE A 276 25.60 -8.14 -7.76
N THR A 277 24.31 -8.39 -7.94
CA THR A 277 23.64 -7.99 -9.15
C THR A 277 22.64 -6.86 -8.90
N HIS A 278 22.18 -6.73 -7.67
CA HIS A 278 21.21 -5.70 -7.33
C HIS A 278 21.55 -4.96 -6.03
N ALA A 279 21.43 -3.64 -6.05
CA ALA A 279 21.73 -2.80 -4.88
C ALA A 279 20.45 -2.28 -4.23
N VAL A 280 20.37 -2.42 -2.91
CA VAL A 280 19.17 -2.12 -2.12
C VAL A 280 19.57 -1.45 -0.79
N LEU A 281 18.63 -1.28 0.14
CA LEU A 281 18.93 -0.60 1.37
C LEU A 281 18.32 -1.31 2.58
N ILE A 282 19.18 -1.81 3.46
CA ILE A 282 18.70 -2.44 4.71
C ILE A 282 18.21 -1.38 5.68
N VAL A 283 16.93 -1.47 6.05
CA VAL A 283 16.33 -0.51 6.98
C VAL A 283 15.99 -1.11 8.36
N GLY A 284 16.23 -2.39 8.52
CA GLY A 284 16.05 -3.05 9.80
C GLY A 284 16.27 -4.55 9.74
N TYR A 285 15.76 -5.23 10.77
CA TYR A 285 15.98 -6.65 10.93
C TYR A 285 15.01 -7.18 11.98
N GLY A 286 14.79 -8.49 11.94
CA GLY A 286 13.91 -9.17 12.88
C GLY A 286 13.93 -10.67 12.66
N ASN A 287 12.83 -11.32 13.03
CA ASN A 287 12.72 -12.76 12.99
C ASN A 287 11.25 -13.11 12.76
N GLU A 288 11.00 -14.08 11.88
CA GLU A 288 9.66 -14.63 11.73
C GLU A 288 9.69 -16.08 11.29
N ASN A 289 8.69 -16.83 11.74
CA ASN A 289 8.55 -18.27 11.47
C ASN A 289 9.86 -19.04 11.71
N GLY A 290 10.59 -18.64 12.75
CA GLY A 290 11.84 -19.29 13.13
C GLY A 290 13.06 -18.88 12.31
N GLN A 291 12.93 -17.79 11.55
CA GLN A 291 14.02 -17.35 10.69
C GLN A 291 14.32 -15.88 10.91
N ASP A 292 15.60 -15.58 11.20
CA ASP A 292 16.09 -14.21 11.25
C ASP A 292 16.07 -13.65 9.85
N TYR A 293 15.74 -12.36 9.73
CA TYR A 293 15.71 -11.70 8.45
C TYR A 293 16.26 -10.28 8.50
N TRP A 294 16.68 -9.79 7.34
CA TRP A 294 16.94 -8.38 7.12
C TRP A 294 15.72 -7.79 6.45
N LEU A 295 15.31 -6.61 6.91
CA LEU A 295 14.22 -5.85 6.30
C LEU A 295 14.82 -4.85 5.31
N VAL A 296 14.36 -4.90 4.06
CA VAL A 296 15.09 -4.23 3.00
C VAL A 296 14.18 -3.43 2.09
N LYS A 297 14.56 -2.18 1.86
CA LYS A 297 13.88 -1.29 0.92
C LYS A 297 14.35 -1.51 -0.52
N ASN A 298 13.38 -1.70 -1.42
CA ASN A 298 13.71 -1.87 -2.83
C ASN A 298 13.40 -0.59 -3.61
N SER A 299 13.73 -0.59 -4.91
CA SER A 299 13.55 0.57 -5.77
C SER A 299 12.78 0.19 -7.04
N TRP A 300 11.81 -0.71 -6.88
CA TRP A 300 10.97 -1.17 -7.97
C TRP A 300 9.51 -0.72 -7.85
N GLY A 301 9.31 0.42 -7.18
CA GLY A 301 7.98 0.93 -6.85
C GLY A 301 7.38 0.32 -5.61
N ASP A 302 6.38 1.01 -5.06
CA ASP A 302 5.74 0.56 -3.84
C ASP A 302 4.67 -0.52 -4.06
N GLY A 303 4.47 -0.89 -5.33
CA GLY A 303 3.60 -2.01 -5.68
C GLY A 303 4.32 -3.35 -5.60
N TRP A 304 5.65 -3.32 -5.68
CA TRP A 304 6.44 -4.55 -5.64
C TRP A 304 6.66 -5.05 -4.21
N GLY A 305 6.61 -6.37 -4.04
CA GLY A 305 6.89 -7.00 -2.75
C GLY A 305 5.90 -6.58 -1.69
N LEU A 306 6.42 -6.33 -0.49
CA LEU A 306 5.60 -5.87 0.63
C LEU A 306 5.67 -4.36 0.72
N ASP A 307 4.83 -3.72 -0.09
CA ASP A 307 4.77 -2.27 -0.25
C ASP A 307 6.11 -1.62 -0.59
N GLY A 308 6.91 -2.33 -1.40
CA GLY A 308 8.18 -1.82 -1.90
C GLY A 308 9.36 -2.42 -1.18
N TYR A 309 9.06 -3.20 -0.13
CA TYR A 309 10.05 -3.79 0.77
CA TYR A 309 10.05 -3.78 0.76
C TYR A 309 10.05 -5.30 0.65
N PHE A 310 11.12 -5.91 1.16
CA PHE A 310 11.22 -7.37 1.24
C PHE A 310 12.04 -7.78 2.45
N LYS A 311 11.88 -9.06 2.81
CA LYS A 311 12.66 -9.67 3.88
CA LYS A 311 12.68 -9.66 3.87
C LYS A 311 13.55 -10.73 3.25
N ILE A 312 14.78 -10.82 3.73
CA ILE A 312 15.71 -11.81 3.22
C ILE A 312 16.44 -12.46 4.40
N ALA A 313 16.74 -13.76 4.29
CA ALA A 313 17.36 -14.52 5.37
C ALA A 313 18.60 -13.83 5.97
N ARG A 314 18.59 -13.70 7.29
CA ARG A 314 19.73 -13.16 8.05
C ARG A 314 20.35 -14.26 8.91
N ASN A 315 21.66 -14.17 9.16
CA ASN A 315 22.38 -15.17 9.96
C ASN A 315 22.26 -16.56 9.32
N ALA A 316 22.29 -16.56 7.99
CA ALA A 316 22.21 -17.77 7.20
C ALA A 316 23.42 -17.77 6.28
N ASN A 317 24.59 -17.59 6.87
CA ASN A 317 25.85 -17.62 6.14
C ASN A 317 25.92 -16.59 4.99
N ASN A 318 25.57 -15.35 5.29
CA ASN A 318 25.71 -14.26 4.32
C ASN A 318 24.88 -14.56 3.06
N HIS A 319 23.61 -14.86 3.29
CA HIS A 319 22.75 -15.38 2.24
C HIS A 319 22.60 -14.41 1.06
N CYS A 320 22.96 -14.90 -0.12
CA CYS A 320 22.94 -14.12 -1.36
C CYS A 320 23.93 -12.97 -1.34
N GLY A 321 24.87 -13.00 -0.39
CA GLY A 321 25.92 -12.00 -0.26
C GLY A 321 25.47 -10.68 0.34
N ILE A 322 24.33 -10.71 1.04
CA ILE A 322 23.66 -9.53 1.58
C ILE A 322 24.51 -8.70 2.55
N ALA A 323 25.43 -9.35 3.24
CA ALA A 323 26.34 -8.67 4.18
C ALA A 323 27.71 -8.39 3.56
N GLY A 324 27.87 -8.74 2.29
CA GLY A 324 29.17 -8.69 1.61
C GLY A 324 29.72 -7.35 1.16
N VAL A 325 28.86 -6.41 0.77
CA VAL A 325 29.29 -5.07 0.34
C VAL A 325 28.38 -3.99 0.96
N ALA A 326 28.47 -3.87 2.28
CA ALA A 326 27.60 -3.00 3.06
C ALA A 326 28.35 -1.72 3.39
N SER A 327 27.70 -0.59 3.17
CA SER A 327 28.28 0.73 3.47
C SER A 327 27.23 1.75 3.85
N VAL A 328 27.64 2.78 4.57
CA VAL A 328 26.75 3.85 4.98
C VAL A 328 27.46 5.16 4.67
N PRO A 329 26.79 6.09 3.96
CA PRO A 329 27.39 7.40 3.75
C PRO A 329 27.46 8.20 5.06
N THR A 330 28.47 9.07 5.15
N THR A 330 28.51 8.99 5.22
CA THR A 330 28.71 9.92 6.29
CA THR A 330 28.58 9.90 6.36
C THR A 330 28.44 11.37 5.88
C THR A 330 28.39 11.33 5.87
N LEU A 331 27.54 12.05 6.57
CA LEU A 331 27.25 13.45 6.27
C LEU A 331 28.45 14.32 6.63
N PHE B 17 -2.23 23.42 25.14
CA PHE B 17 -3.22 22.31 25.15
C PHE B 17 -2.74 21.11 24.33
N VAL B 18 -1.93 21.38 23.31
CA VAL B 18 -1.43 20.34 22.40
C VAL B 18 -0.82 19.13 23.14
N ALA B 19 -0.09 19.42 24.22
CA ALA B 19 0.58 18.39 25.03
C ALA B 19 -0.37 17.40 25.75
N GLU B 20 -1.43 17.92 26.37
CA GLU B 20 -2.42 17.06 27.02
C GLU B 20 -3.22 16.26 25.99
N LYS B 21 -3.60 16.95 24.91
CA LYS B 21 -4.23 16.36 23.74
C LYS B 21 -3.42 15.13 23.29
N TRP B 22 -2.13 15.34 23.13
CA TRP B 22 -1.23 14.27 22.72
C TRP B 22 -1.15 13.09 23.72
N GLU B 23 -1.10 13.36 25.03
CA GLU B 23 -1.11 12.27 26.02
C GLU B 23 -2.38 11.42 25.97
N ASN B 24 -3.52 12.11 25.84
CA ASN B 24 -4.82 11.44 25.71
C ASN B 24 -4.93 10.59 24.46
N PHE B 25 -4.43 11.12 23.35
CA PHE B 25 -4.35 10.35 22.11
C PHE B 25 -3.55 9.06 22.28
N LYS B 26 -2.36 9.17 22.88
CA LYS B 26 -1.48 8.01 23.10
C LYS B 26 -2.15 6.93 23.96
N THR B 27 -2.81 7.34 25.03
CA THR B 27 -3.54 6.41 25.91
C THR B 27 -4.77 5.82 25.21
N THR B 28 -5.59 6.68 24.61
CA THR B 28 -6.81 6.24 23.88
C THR B 28 -6.54 5.27 22.71
N TYR B 29 -5.52 5.55 21.89
CA TYR B 29 -5.26 4.71 20.72
C TYR B 29 -4.12 3.70 20.94
N ALA B 30 -3.41 3.87 22.05
CA ALA B 30 -2.49 2.84 22.55
C ALA B 30 -1.36 2.41 21.60
N ARG B 31 -0.78 3.36 20.85
CA ARG B 31 0.39 3.01 20.03
C ARG B 31 1.50 2.56 20.96
N SER B 32 2.12 1.43 20.63
CA SER B 32 3.27 0.93 21.36
C SER B 32 4.52 1.73 21.01
N TYR B 33 5.13 2.33 22.03
CA TYR B 33 6.42 3.02 21.86
C TYR B 33 7.57 2.28 22.54
N VAL B 34 8.65 2.04 21.79
CA VAL B 34 9.81 1.38 22.36
C VAL B 34 11.07 2.26 22.40
N ASN B 35 10.88 3.55 22.07
N ASN B 35 10.91 3.52 22.03
CA ASN B 35 11.97 4.53 21.98
CA ASN B 35 11.96 4.52 22.19
C ASN B 35 11.43 5.97 21.92
C ASN B 35 11.46 5.94 21.95
N ALA B 36 12.10 6.89 22.62
CA ALA B 36 11.77 8.32 22.53
C ALA B 36 11.72 8.88 21.11
N LYS B 37 12.64 8.44 20.24
CA LYS B 37 12.65 8.87 18.83
C LYS B 37 11.36 8.51 18.08
N GLU B 38 10.77 7.36 18.42
CA GLU B 38 9.47 6.95 17.86
C GLU B 38 8.38 7.93 18.25
N GLU B 39 8.37 8.32 19.52
N GLU B 39 8.37 8.31 19.53
CA GLU B 39 7.36 9.27 20.01
CA GLU B 39 7.41 9.27 20.07
C GLU B 39 7.55 10.67 19.41
C GLU B 39 7.57 10.63 19.37
N THR B 40 8.80 11.12 19.28
CA THR B 40 9.10 12.41 18.61
C THR B 40 8.52 12.43 17.19
N PHE B 41 8.84 11.38 16.44
CA PHE B 41 8.34 11.19 15.08
C PHE B 41 6.80 11.28 15.07
N ARG B 42 6.13 10.49 15.89
CA ARG B 42 4.65 10.46 15.91
C ARG B 42 4.00 11.77 16.35
N LYS B 43 4.55 12.38 17.40
CA LYS B 43 4.03 13.63 17.95
C LYS B 43 4.14 14.71 16.91
N GLN B 44 5.22 14.70 16.12
CA GLN B 44 5.41 15.68 15.06
C GLN B 44 4.32 15.54 13.98
N ILE B 45 4.00 14.30 13.60
CA ILE B 45 2.88 14.05 12.66
C ILE B 45 1.59 14.61 13.26
N PHE B 46 1.36 14.27 14.52
CA PHE B 46 0.13 14.64 15.25
C PHE B 46 -0.03 16.16 15.31
N GLN B 47 1.03 16.83 15.76
CA GLN B 47 1.08 18.31 15.78
C GLN B 47 0.77 18.93 14.42
N LYS B 48 1.42 18.44 13.38
CA LYS B 48 1.22 18.95 12.03
C LYS B 48 -0.25 18.81 11.59
N LYS B 49 -0.83 17.63 11.77
CA LYS B 49 -2.25 17.44 11.48
C LYS B 49 -3.14 18.36 12.31
N LEU B 50 -2.83 18.50 13.60
CA LEU B 50 -3.58 19.41 14.49
C LEU B 50 -3.68 20.83 13.93
N GLU B 51 -2.57 21.33 13.40
CA GLU B 51 -2.50 22.65 12.75
C GLU B 51 -3.43 22.74 11.54
N THR B 52 -3.35 21.73 10.67
CA THR B 52 -4.25 21.57 9.54
C THR B 52 -5.72 21.66 9.98
N PHE B 53 -6.07 20.92 11.03
CA PHE B 53 -7.44 20.87 11.52
C PHE B 53 -7.91 22.26 11.96
N GLU B 54 -7.06 22.97 12.68
CA GLU B 54 -7.46 24.27 13.25
C GLU B 54 -7.76 25.29 12.15
N GLU B 55 -6.89 25.33 11.16
CA GLU B 55 -7.06 26.19 10.00
C GLU B 55 -8.34 25.85 9.22
N HIS B 56 -8.55 24.57 8.94
CA HIS B 56 -9.74 24.11 8.24
C HIS B 56 -11.01 24.42 9.01
N ASN B 57 -10.99 24.17 10.32
CA ASN B 57 -12.18 24.34 11.15
C ASN B 57 -12.59 25.79 11.37
N GLU B 58 -11.60 26.69 11.30
CA GLU B 58 -11.85 28.13 11.32
C GLU B 58 -12.61 28.53 10.06
N LYS B 59 -12.22 27.98 8.91
CA LYS B 59 -12.99 28.17 7.67
C LYS B 59 -14.41 27.63 7.79
N TYR B 60 -14.56 26.49 8.47
CA TYR B 60 -15.89 25.91 8.72
C TYR B 60 -16.76 26.88 9.51
N ARG B 61 -16.20 27.36 10.64
CA ARG B 61 -16.81 28.38 11.49
C ARG B 61 -17.32 29.55 10.67
N GLN B 62 -16.53 29.95 9.67
CA GLN B 62 -16.84 31.09 8.81
C GLN B 62 -17.78 30.76 7.65
N GLY B 63 -18.20 29.50 7.57
CA GLY B 63 -19.07 29.03 6.49
C GLY B 63 -18.38 28.86 5.14
N LEU B 64 -17.06 28.76 5.16
CA LEU B 64 -16.25 28.69 3.94
C LEU B 64 -15.96 27.27 3.46
N VAL B 65 -16.18 26.29 4.36
CA VAL B 65 -16.16 24.88 3.99
C VAL B 65 -17.35 24.21 4.67
N SER B 66 -17.76 23.05 4.16
CA SER B 66 -18.98 22.40 4.60
C SER B 66 -18.75 21.28 5.61
N TYR B 67 -17.49 20.99 5.91
CA TYR B 67 -17.16 19.91 6.83
C TYR B 67 -16.04 20.26 7.79
N THR B 68 -15.90 19.47 8.84
CA THR B 68 -14.85 19.70 9.83
C THR B 68 -13.84 18.57 9.79
N LEU B 69 -12.64 18.84 10.30
CA LEU B 69 -11.60 17.82 10.46
C LEU B 69 -11.34 17.59 11.94
N GLY B 70 -11.01 16.36 12.31
CA GLY B 70 -10.83 16.06 13.73
C GLY B 70 -9.85 14.95 14.02
N VAL B 71 -9.52 14.80 15.29
CA VAL B 71 -8.67 13.75 15.79
C VAL B 71 -9.38 12.40 15.71
N ASN B 72 -8.66 11.40 15.24
CA ASN B 72 -9.14 10.02 15.16
C ASN B 72 -7.93 9.11 14.98
N LEU B 73 -8.17 7.84 14.66
CA LEU B 73 -7.10 6.83 14.57
C LEU B 73 -5.92 7.24 13.66
N PHE B 74 -6.20 8.07 12.65
CA PHE B 74 -5.22 8.42 11.63
C PHE B 74 -4.28 9.56 12.01
N THR B 75 -4.58 10.26 13.10
CA THR B 75 -3.90 11.53 13.41
C THR B 75 -2.37 11.42 13.56
N ASP B 76 -1.87 10.26 13.97
CA ASP B 76 -0.43 10.07 14.09
C ASP B 76 0.16 9.12 13.05
N MET B 77 -0.64 8.81 12.01
N MET B 77 -0.65 8.80 12.03
CA MET B 77 -0.27 7.80 11.02
CA MET B 77 -0.31 7.82 10.99
C MET B 77 0.36 8.40 9.77
C MET B 77 0.42 8.45 9.81
N THR B 78 1.31 7.67 9.20
CA THR B 78 1.97 8.10 7.96
C THR B 78 1.07 7.84 6.75
N PRO B 79 1.34 8.49 5.61
CA PRO B 79 0.58 8.16 4.38
C PRO B 79 0.61 6.65 4.07
N GLU B 80 1.73 6.00 4.36
CA GLU B 80 1.93 4.59 4.07
C GLU B 80 1.02 3.66 4.89
N GLU B 81 0.77 4.03 6.15
N GLU B 81 0.80 4.00 6.16
CA GLU B 81 -0.09 3.26 7.06
CA GLU B 81 -0.11 3.25 7.05
C GLU B 81 -1.58 3.50 6.81
C GLU B 81 -1.57 3.44 6.66
N MET B 82 -1.92 4.67 6.28
CA MET B 82 -3.29 5.01 5.95
C MET B 82 -3.73 4.41 4.64
N LYS B 83 -2.77 4.07 3.77
CA LYS B 83 -3.07 3.56 2.42
C LYS B 83 -4.01 2.36 2.46
N ALA B 84 -3.79 1.46 3.42
CA ALA B 84 -4.61 0.26 3.58
C ALA B 84 -6.10 0.61 3.81
N TYR B 85 -6.34 1.67 4.55
CA TYR B 85 -7.67 2.12 4.92
C TYR B 85 -8.34 2.88 3.78
N THR B 86 -7.61 3.83 3.21
CA THR B 86 -8.18 4.84 2.32
C THR B 86 -7.97 4.55 0.83
N HIS B 87 -6.95 3.76 0.52
CA HIS B 87 -6.58 3.43 -0.88
C HIS B 87 -6.39 1.94 -1.04
N GLY B 88 -7.27 1.18 -0.41
CA GLY B 88 -7.22 -0.26 -0.43
C GLY B 88 -7.78 -0.87 -1.71
N LEU B 89 -8.60 -0.11 -2.45
CA LEU B 89 -9.31 -0.66 -3.62
C LEU B 89 -8.41 -0.89 -4.82
N ILE B 90 -8.70 -1.95 -5.57
CA ILE B 90 -8.01 -2.21 -6.84
C ILE B 90 -9.07 -2.49 -7.90
N MET B 91 -9.11 -1.65 -8.91
CA MET B 91 -10.15 -1.74 -9.92
C MET B 91 -9.76 -2.79 -10.97
N PRO B 92 -10.61 -3.82 -11.16
CA PRO B 92 -10.36 -4.83 -12.17
C PRO B 92 -10.60 -4.30 -13.58
N ALA B 93 -10.23 -5.11 -14.58
CA ALA B 93 -10.48 -4.75 -15.97
C ALA B 93 -11.96 -4.51 -16.19
N ASP B 94 -12.78 -5.39 -15.62
CA ASP B 94 -14.23 -5.40 -15.79
C ASP B 94 -14.89 -4.98 -14.47
N LEU B 95 -15.40 -3.76 -14.43
CA LEU B 95 -15.89 -3.18 -13.18
C LEU B 95 -17.24 -3.75 -12.69
N HIS B 96 -17.95 -4.41 -13.58
N HIS B 96 -17.93 -4.41 -13.60
CA HIS B 96 -19.24 -5.01 -13.24
CA HIS B 96 -19.26 -4.96 -13.37
C HIS B 96 -19.39 -6.36 -13.91
C HIS B 96 -19.38 -6.36 -13.97
N LYS B 97 -18.51 -7.28 -13.51
CA LYS B 97 -18.54 -8.66 -13.97
C LYS B 97 -19.85 -9.36 -13.58
N ASN B 98 -20.59 -9.80 -14.59
CA ASN B 98 -21.90 -10.49 -14.44
C ASN B 98 -23.02 -9.61 -13.86
N GLY B 99 -22.80 -8.31 -13.77
CA GLY B 99 -23.80 -7.39 -13.23
C GLY B 99 -24.91 -7.05 -14.19
N ILE B 100 -26.09 -6.76 -13.64
CA ILE B 100 -27.26 -6.33 -14.39
C ILE B 100 -27.32 -4.80 -14.39
N PRO B 101 -27.24 -4.17 -15.58
CA PRO B 101 -27.19 -2.71 -15.62
C PRO B 101 -28.52 -2.07 -15.30
N ILE B 102 -28.46 -0.93 -14.61
CA ILE B 102 -29.64 -0.13 -14.30
C ILE B 102 -29.48 1.21 -14.99
N LYS B 103 -30.44 1.55 -15.85
CA LYS B 103 -30.46 2.86 -16.55
C LYS B 103 -31.75 3.64 -16.24
N THR B 104 -32.88 2.91 -16.18
CA THR B 104 -34.21 3.52 -16.01
C THR B 104 -34.93 3.08 -14.75
N ARG B 105 -36.01 3.78 -14.40
CA ARG B 105 -36.92 3.34 -13.33
C ARG B 105 -37.44 1.93 -13.60
N GLU B 106 -37.83 1.68 -14.86
CA GLU B 106 -38.31 0.38 -15.29
C GLU B 106 -37.29 -0.74 -14.99
N ASP B 107 -36.00 -0.43 -15.20
CA ASP B 107 -34.92 -1.36 -14.87
C ASP B 107 -34.96 -1.77 -13.40
N LEU B 108 -35.40 -0.85 -12.54
CA LEU B 108 -35.49 -1.11 -11.09
C LEU B 108 -36.80 -1.77 -10.68
N GLY B 109 -37.64 -2.11 -11.66
CA GLY B 109 -39.00 -2.59 -11.41
C GLY B 109 -39.88 -1.50 -10.81
N LEU B 110 -39.59 -0.26 -11.14
CA LEU B 110 -40.22 0.89 -10.51
C LEU B 110 -41.15 1.65 -11.45
N ASN B 111 -42.25 2.15 -10.88
CA ASN B 111 -43.13 3.10 -11.53
C ASN B 111 -42.34 4.36 -11.91
N ALA B 112 -42.47 4.79 -13.16
CA ALA B 112 -41.62 5.86 -13.69
C ALA B 112 -42.06 7.24 -13.24
N SER B 113 -43.26 7.33 -12.68
CA SER B 113 -43.87 8.60 -12.32
C SER B 113 -43.79 8.89 -10.81
N VAL B 114 -43.69 7.84 -10.01
CA VAL B 114 -43.74 7.96 -8.56
C VAL B 114 -42.54 8.73 -8.01
N ARG B 115 -42.77 9.46 -6.94
CA ARG B 115 -41.80 10.37 -6.39
C ARG B 115 -41.43 9.94 -4.97
N TYR B 116 -40.12 9.80 -4.72
CA TYR B 116 -39.64 9.31 -3.43
C TYR B 116 -39.24 10.47 -2.48
N PRO B 117 -39.20 10.21 -1.15
CA PRO B 117 -38.90 11.25 -0.17
C PRO B 117 -37.62 12.03 -0.51
N ALA B 118 -37.60 13.33 -0.23
CA ALA B 118 -36.42 14.17 -0.47
C ALA B 118 -35.26 13.79 0.44
N SER B 119 -35.60 13.19 1.59
CA SER B 119 -34.63 12.76 2.57
C SER B 119 -34.95 11.33 2.97
N PHE B 120 -33.91 10.57 3.33
CA PHE B 120 -34.11 9.17 3.66
C PHE B 120 -32.90 8.62 4.43
N ASP B 121 -33.14 7.66 5.31
CA ASP B 121 -32.07 7.05 6.11
C ASP B 121 -32.51 5.65 6.50
N TRP B 122 -31.84 4.62 5.99
CA TRP B 122 -32.26 3.22 6.22
C TRP B 122 -32.23 2.83 7.71
N ARG B 123 -31.43 3.57 8.50
CA ARG B 123 -31.37 3.35 9.93
C ARG B 123 -32.72 3.66 10.60
N ASP B 124 -33.49 4.56 9.99
CA ASP B 124 -34.85 4.89 10.47
C ASP B 124 -35.80 3.70 10.41
N GLN B 125 -35.43 2.68 9.62
CA GLN B 125 -36.20 1.44 9.49
C GLN B 125 -35.38 0.25 10.03
N GLY B 126 -34.22 0.55 10.61
CA GLY B 126 -33.39 -0.48 11.24
C GLY B 126 -32.74 -1.49 10.30
N MET B 127 -32.45 -1.04 9.07
CA MET B 127 -31.98 -1.95 8.02
C MET B 127 -30.48 -1.92 7.81
N VAL B 128 -29.76 -1.17 8.65
CA VAL B 128 -28.31 -1.13 8.56
C VAL B 128 -27.68 -1.87 9.74
N SER B 129 -26.77 -2.80 9.41
N SER B 129 -26.78 -2.80 9.42
CA SER B 129 -26.02 -3.55 10.42
CA SER B 129 -26.04 -3.54 10.44
C SER B 129 -25.05 -2.61 11.15
C SER B 129 -25.05 -2.62 11.15
N PRO B 130 -24.55 -3.02 12.34
CA PRO B 130 -23.61 -2.14 13.05
C PRO B 130 -22.31 -1.84 12.26
N VAL B 131 -21.68 -0.71 12.55
CA VAL B 131 -20.41 -0.33 11.94
C VAL B 131 -19.33 -1.32 12.36
N LYS B 132 -18.51 -1.75 11.41
CA LYS B 132 -17.40 -2.64 11.70
C LYS B 132 -16.10 -1.87 11.51
N ASN B 133 -14.99 -2.47 11.94
CA ASN B 133 -13.67 -1.87 11.77
C ASN B 133 -12.75 -2.81 11.02
N GLN B 134 -12.31 -2.38 9.83
N GLN B 134 -12.31 -2.38 9.83
CA GLN B 134 -11.49 -3.22 8.95
CA GLN B 134 -11.48 -3.22 8.96
C GLN B 134 -10.04 -3.36 9.44
C GLN B 134 -10.04 -3.36 9.45
N GLY B 135 -9.62 -2.48 10.35
CA GLY B 135 -8.24 -2.49 10.88
C GLY B 135 -7.19 -2.26 9.81
N SER B 136 -5.99 -2.77 10.06
CA SER B 136 -4.84 -2.55 9.18
C SER B 136 -4.90 -3.36 7.88
N CYS B 137 -5.90 -4.22 7.76
CA CYS B 137 -6.13 -5.00 6.55
C CYS B 137 -7.00 -4.20 5.57
N GLY B 138 -6.49 -3.99 4.36
CA GLY B 138 -7.10 -3.10 3.38
C GLY B 138 -8.29 -3.66 2.64
N SER B 139 -9.33 -4.00 3.40
CA SER B 139 -10.43 -4.80 2.87
C SER B 139 -11.76 -4.05 2.81
N SER B 140 -11.71 -2.72 2.67
CA SER B 140 -12.97 -1.97 2.56
C SER B 140 -13.88 -2.55 1.46
N TRP B 141 -13.29 -3.04 0.37
CA TRP B 141 -14.04 -3.73 -0.68
C TRP B 141 -14.96 -4.85 -0.15
N ALA B 142 -14.44 -5.62 0.81
CA ALA B 142 -15.18 -6.72 1.42
C ALA B 142 -16.21 -6.19 2.39
N PHE B 143 -15.86 -5.17 3.18
CA PHE B 143 -16.83 -4.59 4.14
C PHE B 143 -17.98 -3.88 3.45
N SER B 144 -17.67 -3.22 2.33
CA SER B 144 -18.71 -2.61 1.51
C SER B 144 -19.67 -3.69 1.03
N SER B 145 -19.12 -4.80 0.58
CA SER B 145 -19.91 -5.93 0.10
C SER B 145 -20.80 -6.56 1.17
N THR B 146 -20.24 -6.85 2.34
CA THR B 146 -20.96 -7.52 3.42
C THR B 146 -22.05 -6.63 3.99
N GLY B 147 -21.72 -5.35 4.19
CA GLY B 147 -22.68 -4.35 4.63
C GLY B 147 -23.90 -4.32 3.72
N ALA B 148 -23.65 -4.37 2.41
CA ALA B 148 -24.72 -4.37 1.42
C ALA B 148 -25.55 -5.66 1.49
N ILE B 149 -24.88 -6.80 1.64
CA ILE B 149 -25.58 -8.08 1.78
C ILE B 149 -26.44 -8.11 3.05
N GLU B 150 -25.85 -7.65 4.17
CA GLU B 150 -26.50 -7.65 5.47
C GLU B 150 -27.77 -6.84 5.43
N SER B 151 -27.71 -5.68 4.78
CA SER B 151 -28.88 -4.83 4.66
C SER B 151 -29.98 -5.48 3.81
N GLN B 152 -29.60 -6.21 2.77
CA GLN B 152 -30.59 -6.96 1.96
C GLN B 152 -31.31 -8.03 2.81
N MET B 153 -30.53 -8.71 3.64
CA MET B 153 -31.08 -9.74 4.52
C MET B 153 -32.04 -9.13 5.55
N LYS B 154 -31.70 -7.95 6.08
CA LYS B 154 -32.58 -7.24 7.00
C LYS B 154 -33.86 -6.82 6.30
N ILE B 155 -33.72 -6.31 5.09
CA ILE B 155 -34.88 -5.86 4.33
C ILE B 155 -35.81 -7.02 4.01
N ALA B 156 -35.23 -8.20 3.75
CA ALA B 156 -36.05 -9.37 3.43
C ALA B 156 -36.70 -9.99 4.68
N ASN B 157 -35.96 -10.00 5.78
CA ASN B 157 -36.35 -10.72 6.98
C ASN B 157 -36.81 -9.83 8.15
N GLY B 158 -36.68 -8.52 7.99
CA GLY B 158 -37.06 -7.58 9.04
C GLY B 158 -35.86 -7.04 9.81
N ALA B 159 -36.03 -5.85 10.38
CA ALA B 159 -34.92 -5.13 11.02
C ALA B 159 -34.24 -5.89 12.14
N GLY B 160 -35.03 -6.67 12.87
CA GLY B 160 -34.54 -7.43 14.03
C GLY B 160 -33.68 -8.61 13.64
N TYR B 161 -33.88 -9.10 12.41
CA TYR B 161 -33.08 -10.19 11.88
C TYR B 161 -31.60 -9.81 11.97
N ASP B 162 -30.81 -10.70 12.57
CA ASP B 162 -29.41 -10.41 12.81
C ASP B 162 -28.59 -10.90 11.63
N SER B 163 -28.12 -9.96 10.82
CA SER B 163 -27.24 -10.32 9.73
C SER B 163 -25.87 -9.77 9.95
N SER B 164 -24.92 -10.69 10.00
CA SER B 164 -23.50 -10.40 9.99
C SER B 164 -22.89 -11.54 9.22
N VAL B 165 -22.32 -11.23 8.06
CA VAL B 165 -21.66 -12.22 7.19
C VAL B 165 -20.14 -12.02 7.15
N SER B 166 -19.45 -12.97 6.52
CA SER B 166 -18.00 -13.13 6.68
C SER B 166 -17.16 -12.35 5.68
N GLU B 167 -16.56 -11.24 6.13
CA GLU B 167 -15.58 -10.52 5.31
C GLU B 167 -14.36 -11.40 5.07
N GLN B 168 -14.00 -12.19 6.08
CA GLN B 168 -12.84 -13.08 5.96
C GLN B 168 -13.00 -14.07 4.82
N GLN B 169 -14.18 -14.65 4.68
CA GLN B 169 -14.40 -15.55 3.55
C GLN B 169 -14.07 -14.83 2.26
N LEU B 170 -14.51 -13.58 2.13
CA LEU B 170 -14.24 -12.81 0.92
C LEU B 170 -12.74 -12.57 0.69
N VAL B 171 -12.05 -12.12 1.73
N VAL B 171 -12.02 -12.12 1.72
CA VAL B 171 -10.60 -11.87 1.71
CA VAL B 171 -10.59 -11.85 1.57
C VAL B 171 -9.87 -13.14 1.29
C VAL B 171 -9.78 -13.13 1.35
N ASP B 172 -10.25 -14.25 1.89
CA ASP B 172 -9.63 -15.56 1.64
C ASP B 172 -10.01 -16.19 0.29
N CYS B 173 -11.26 -16.00 -0.14
CA CYS B 173 -11.83 -16.86 -1.18
C CYS B 173 -12.15 -16.24 -2.53
N VAL B 174 -12.29 -14.92 -2.61
CA VAL B 174 -12.62 -14.30 -3.89
C VAL B 174 -11.42 -14.48 -4.82
N PRO B 175 -11.57 -15.28 -5.89
CA PRO B 175 -10.41 -15.79 -6.63
C PRO B 175 -9.59 -14.72 -7.34
N ASN B 176 -10.21 -13.62 -7.75
CA ASN B 176 -9.45 -12.53 -8.35
C ASN B 176 -9.58 -11.20 -7.61
N ALA B 177 -9.63 -11.32 -6.29
CA ALA B 177 -9.31 -10.22 -5.39
C ALA B 177 -8.00 -10.59 -4.73
N LEU B 178 -7.36 -9.61 -4.13
CA LEU B 178 -5.98 -9.74 -3.70
C LEU B 178 -5.91 -9.66 -2.18
N GLY B 179 -7.04 -9.94 -1.54
CA GLY B 179 -7.16 -10.01 -0.08
C GLY B 179 -7.03 -8.69 0.65
N CYS B 180 -6.17 -8.68 1.66
CA CYS B 180 -5.90 -7.46 2.44
C CYS B 180 -5.17 -6.41 1.61
N SER B 181 -4.66 -6.82 0.46
CA SER B 181 -3.94 -5.97 -0.47
C SER B 181 -4.85 -5.42 -1.58
N GLY B 182 -6.11 -5.83 -1.59
CA GLY B 182 -7.10 -5.20 -2.46
C GLY B 182 -8.21 -6.09 -3.03
N GLY B 183 -9.19 -5.46 -3.64
CA GLY B 183 -10.33 -6.19 -4.18
C GLY B 183 -11.39 -5.23 -4.66
N TRP B 184 -12.57 -5.78 -4.96
CA TRP B 184 -13.62 -5.06 -5.67
C TRP B 184 -14.98 -5.66 -5.35
N MET B 185 -15.92 -4.81 -4.95
N MET B 185 -15.92 -4.81 -4.95
CA MET B 185 -17.23 -5.25 -4.46
CA MET B 185 -17.22 -5.28 -4.44
C MET B 185 -18.00 -6.15 -5.43
C MET B 185 -18.07 -6.12 -5.41
N ASN B 186 -18.10 -5.73 -6.69
CA ASN B 186 -18.84 -6.49 -7.69
C ASN B 186 -18.29 -7.88 -7.91
N ASP B 187 -16.96 -8.01 -7.87
CA ASP B 187 -16.29 -9.31 -7.87
C ASP B 187 -16.67 -10.14 -6.63
N ALA B 188 -16.79 -9.48 -5.48
CA ALA B 188 -17.26 -10.13 -4.27
C ALA B 188 -18.72 -10.63 -4.41
N PHE B 189 -19.60 -9.82 -5.01
CA PHE B 189 -21.00 -10.22 -5.22
C PHE B 189 -21.12 -11.41 -6.18
N THR B 190 -20.40 -11.37 -7.30
CA THR B 190 -20.43 -12.48 -8.27
C THR B 190 -19.85 -13.74 -7.66
N TYR B 191 -18.82 -13.59 -6.82
CA TYR B 191 -18.24 -14.74 -6.14
C TYR B 191 -19.28 -15.41 -5.24
N VAL B 192 -19.99 -14.62 -4.44
CA VAL B 192 -20.97 -15.17 -3.50
C VAL B 192 -22.06 -15.95 -4.26
N ALA B 193 -22.61 -15.34 -5.30
CA ALA B 193 -23.64 -15.99 -6.14
C ALA B 193 -23.15 -17.31 -6.70
N GLN B 194 -22.05 -17.25 -7.47
CA GLN B 194 -21.42 -18.44 -8.06
C GLN B 194 -21.02 -19.49 -7.03
N ASN B 195 -20.55 -19.04 -5.86
CA ASN B 195 -20.10 -19.94 -4.79
C ASN B 195 -21.25 -20.68 -4.11
N GLY B 196 -22.44 -20.11 -4.19
CA GLY B 196 -23.62 -20.68 -3.54
C GLY B 196 -23.75 -20.24 -2.10
N GLY B 197 -23.05 -19.19 -1.72
CA GLY B 197 -23.26 -18.58 -0.43
C GLY B 197 -22.07 -17.95 0.26
N ILE B 198 -22.37 -17.30 1.37
CA ILE B 198 -21.38 -16.71 2.24
C ILE B 198 -21.72 -17.10 3.67
N ASP B 199 -20.70 -17.54 4.42
CA ASP B 199 -20.83 -17.92 5.83
C ASP B 199 -21.12 -16.73 6.74
N SER B 200 -21.60 -17.02 7.95
CA SER B 200 -21.83 -16.01 8.97
C SER B 200 -20.51 -15.52 9.53
N GLU B 201 -20.54 -14.35 10.16
CA GLU B 201 -19.35 -13.77 10.81
C GLU B 201 -18.81 -14.69 11.92
N GLY B 202 -19.72 -15.27 12.70
CA GLY B 202 -19.38 -16.19 13.78
C GLY B 202 -18.71 -17.48 13.33
N ALA B 203 -19.21 -18.06 12.24
CA ALA B 203 -18.64 -19.27 11.66
C ALA B 203 -17.29 -19.05 10.96
N TYR B 204 -17.04 -17.83 10.50
CA TYR B 204 -15.84 -17.52 9.72
C TYR B 204 -15.40 -16.11 10.09
N PRO B 205 -14.82 -15.95 11.29
CA PRO B 205 -14.54 -14.62 11.85
C PRO B 205 -13.40 -13.86 11.17
N TYR B 206 -13.42 -12.54 11.35
CA TYR B 206 -12.46 -11.62 10.74
C TYR B 206 -11.10 -11.70 11.44
N GLU B 207 -10.06 -11.97 10.66
N GLU B 207 -10.06 -11.97 10.66
CA GLU B 207 -8.71 -12.15 11.22
CA GLU B 207 -8.71 -12.16 11.18
C GLU B 207 -7.75 -11.01 10.85
C GLU B 207 -7.86 -10.90 11.07
N MET B 208 -8.27 -9.98 10.20
CA MET B 208 -7.49 -8.75 9.88
C MET B 208 -6.14 -9.09 9.24
N ALA B 209 -6.17 -10.08 8.37
CA ALA B 209 -5.00 -10.63 7.71
C ALA B 209 -5.48 -11.59 6.64
N ASP B 210 -4.62 -11.87 5.66
CA ASP B 210 -4.91 -12.89 4.67
C ASP B 210 -4.91 -14.27 5.31
N GLY B 211 -5.69 -15.18 4.73
CA GLY B 211 -5.67 -16.58 5.14
C GLY B 211 -5.95 -17.47 3.95
N ASN B 212 -6.22 -18.75 4.24
CA ASN B 212 -6.62 -19.70 3.21
CA ASN B 212 -6.62 -19.70 3.20
C ASN B 212 -8.11 -20.02 3.30
N CYS B 213 -8.74 -20.13 2.14
CA CYS B 213 -10.16 -20.34 2.01
C CYS B 213 -10.65 -21.59 2.71
N HIS B 214 -11.52 -21.41 3.70
CA HIS B 214 -12.20 -22.55 4.33
C HIS B 214 -13.72 -22.36 4.44
N TYR B 215 -14.33 -21.93 3.34
CA TYR B 215 -15.78 -21.80 3.25
C TYR B 215 -16.46 -23.13 3.59
N ASP B 216 -17.56 -23.03 4.32
CA ASP B 216 -18.34 -24.18 4.75
C ASP B 216 -19.76 -24.07 4.21
N PRO B 217 -20.11 -24.93 3.22
CA PRO B 217 -21.41 -24.90 2.53
C PRO B 217 -22.62 -25.16 3.43
N ASN B 218 -22.37 -25.68 4.64
CA ASN B 218 -23.44 -25.94 5.60
C ASN B 218 -23.67 -24.80 6.59
N GLN B 219 -22.86 -23.75 6.50
CA GLN B 219 -22.95 -22.63 7.44
CA GLN B 219 -22.96 -22.64 7.45
C GLN B 219 -23.29 -21.31 6.73
N VAL B 220 -23.99 -21.43 5.61
CA VAL B 220 -24.38 -20.28 4.80
C VAL B 220 -25.34 -19.40 5.58
N ALA B 221 -25.04 -18.10 5.62
CA ALA B 221 -25.90 -17.12 6.25
C ALA B 221 -26.76 -16.38 5.21
N ALA B 222 -26.24 -16.28 3.99
CA ALA B 222 -26.91 -15.54 2.91
C ALA B 222 -26.49 -16.01 1.53
N ARG B 223 -27.42 -15.92 0.58
CA ARG B 223 -27.17 -16.30 -0.81
C ARG B 223 -27.54 -15.16 -1.74
N LEU B 224 -26.83 -15.06 -2.84
CA LEU B 224 -27.14 -14.05 -3.85
C LEU B 224 -27.50 -14.73 -5.16
N SER B 225 -28.43 -14.12 -5.90
CA SER B 225 -28.70 -14.53 -7.26
C SER B 225 -27.83 -13.69 -8.19
N GLY B 226 -27.27 -12.61 -7.66
CA GLY B 226 -26.45 -11.71 -8.45
C GLY B 226 -26.41 -10.31 -7.86
N TYR B 227 -26.37 -9.32 -8.75
CA TYR B 227 -26.40 -7.92 -8.34
C TYR B 227 -26.81 -7.03 -9.50
N VAL B 228 -27.30 -5.84 -9.19
CA VAL B 228 -27.56 -4.79 -10.17
C VAL B 228 -26.55 -3.68 -9.95
N TYR B 229 -26.11 -3.04 -11.03
CA TYR B 229 -25.26 -1.87 -10.91
C TYR B 229 -25.87 -0.70 -11.67
N LEU B 230 -25.67 0.49 -11.15
CA LEU B 230 -26.10 1.71 -11.82
C LEU B 230 -25.15 2.07 -12.98
N SER B 231 -25.66 2.02 -14.21
CA SER B 231 -24.84 2.17 -15.41
C SER B 231 -23.96 3.43 -15.45
N GLY B 232 -24.50 4.55 -15.00
CA GLY B 232 -23.74 5.80 -14.93
C GLY B 232 -24.04 6.54 -13.64
N PRO B 233 -23.31 7.65 -13.40
CA PRO B 233 -23.51 8.39 -12.16
C PRO B 233 -24.71 9.34 -12.22
N ASP B 234 -25.89 8.74 -12.28
CA ASP B 234 -27.15 9.45 -12.24
C ASP B 234 -27.54 9.55 -10.76
N GLU B 235 -27.34 10.72 -10.17
CA GLU B 235 -27.53 10.87 -8.73
C GLU B 235 -29.01 10.84 -8.31
N ASN B 236 -29.89 11.25 -9.23
CA ASN B 236 -31.34 11.15 -8.99
CA ASN B 236 -31.33 11.16 -8.97
C ASN B 236 -31.76 9.69 -8.96
N MET B 237 -31.33 8.93 -9.99
CA MET B 237 -31.60 7.49 -10.03
C MET B 237 -30.96 6.75 -8.85
N LEU B 238 -29.77 7.20 -8.44
CA LEU B 238 -29.09 6.62 -7.27
C LEU B 238 -29.90 6.79 -5.98
N ALA B 239 -30.46 7.98 -5.78
CA ALA B 239 -31.33 8.24 -4.63
C ALA B 239 -32.58 7.35 -4.65
N ASP B 240 -33.20 7.25 -5.83
CA ASP B 240 -34.37 6.37 -6.02
C ASP B 240 -34.05 4.89 -5.76
N MET B 241 -32.88 4.46 -6.18
CA MET B 241 -32.38 3.10 -5.92
C MET B 241 -32.11 2.84 -4.43
N VAL B 242 -31.47 3.81 -3.76
CA VAL B 242 -31.31 3.73 -2.31
C VAL B 242 -32.68 3.58 -1.61
N ALA B 243 -33.62 4.44 -1.98
CA ALA B 243 -34.93 4.51 -1.30
C ALA B 243 -35.78 3.27 -1.49
N THR B 244 -35.52 2.52 -2.55
CA THR B 244 -36.36 1.39 -2.93
C THR B 244 -35.69 0.03 -2.76
N LYS B 245 -34.46 -0.10 -3.27
CA LYS B 245 -33.73 -1.37 -3.23
C LYS B 245 -32.94 -1.56 -1.94
N GLY B 246 -32.43 -0.48 -1.37
CA GLY B 246 -31.67 -0.59 -0.14
C GLY B 246 -30.31 0.07 -0.19
N PRO B 247 -29.53 -0.05 0.89
CA PRO B 247 -28.17 0.50 0.89
C PRO B 247 -27.34 0.03 -0.32
N VAL B 248 -26.54 0.94 -0.86
CA VAL B 248 -25.86 0.72 -2.13
C VAL B 248 -24.35 0.75 -1.95
N ALA B 249 -23.68 -0.30 -2.42
CA ALA B 249 -22.22 -0.36 -2.37
C ALA B 249 -21.63 0.63 -3.38
N VAL B 250 -20.74 1.49 -2.92
CA VAL B 250 -20.13 2.50 -3.80
C VAL B 250 -18.62 2.68 -3.52
N ALA B 251 -17.93 3.38 -4.41
CA ALA B 251 -16.53 3.73 -4.15
C ALA B 251 -16.30 5.16 -4.57
N PHE B 252 -15.25 5.76 -4.02
CA PHE B 252 -14.99 7.17 -4.26
C PHE B 252 -13.51 7.53 -3.99
N ASP B 253 -13.18 8.77 -4.32
CA ASP B 253 -11.84 9.33 -4.14
C ASP B 253 -11.65 9.75 -2.67
N ALA B 254 -11.02 8.86 -1.91
CA ALA B 254 -10.78 9.12 -0.49
C ALA B 254 -9.38 9.68 -0.21
N ASP B 255 -8.84 10.46 -1.15
CA ASP B 255 -7.55 11.15 -0.96
C ASP B 255 -7.60 12.03 0.29
N ASP B 256 -6.46 12.19 0.96
CA ASP B 256 -6.36 13.10 2.09
C ASP B 256 -6.92 14.48 1.68
N PRO B 257 -7.60 15.18 2.60
CA PRO B 257 -7.73 14.89 4.03
C PRO B 257 -9.00 14.15 4.41
N PHE B 258 -9.59 13.41 3.48
CA PHE B 258 -10.82 12.68 3.80
C PHE B 258 -10.75 11.92 5.12
N GLY B 259 -9.66 11.19 5.31
CA GLY B 259 -9.45 10.40 6.51
C GLY B 259 -9.67 11.15 7.82
N SER B 260 -9.41 12.46 7.83
CA SER B 260 -9.56 13.27 9.05
C SER B 260 -10.93 13.94 9.20
N TYR B 261 -11.82 13.68 8.25
CA TYR B 261 -13.21 14.12 8.36
C TYR B 261 -13.81 13.79 9.73
N SER B 262 -14.46 14.79 10.33
CA SER B 262 -15.09 14.60 11.64
C SER B 262 -16.58 14.93 11.68
N GLY B 263 -17.08 15.64 10.67
CA GLY B 263 -18.51 16.00 10.64
C GLY B 263 -18.84 16.95 9.51
N GLY B 264 -20.13 17.21 9.33
CA GLY B 264 -20.58 18.03 8.21
C GLY B 264 -20.63 17.26 6.91
N VAL B 265 -20.58 18.00 5.81
CA VAL B 265 -20.73 17.40 4.48
C VAL B 265 -19.42 17.51 3.75
N TYR B 266 -18.82 16.36 3.44
CA TYR B 266 -17.54 16.37 2.76
C TYR B 266 -17.69 16.91 1.35
N TYR B 267 -16.94 17.97 1.08
CA TYR B 267 -16.84 18.54 -0.24
C TYR B 267 -15.42 19.02 -0.42
N ASN B 268 -14.71 18.38 -1.33
CA ASN B 268 -13.33 18.75 -1.59
C ASN B 268 -13.17 19.15 -3.05
N PRO B 269 -12.86 20.44 -3.30
CA PRO B 269 -12.84 21.01 -4.65
C PRO B 269 -11.86 20.34 -5.60
N THR B 270 -10.87 19.64 -5.05
CA THR B 270 -9.89 18.92 -5.88
C THR B 270 -10.20 17.44 -6.09
N CYS B 271 -11.36 16.98 -5.61
CA CYS B 271 -11.72 15.57 -5.74
C CYS B 271 -11.86 15.16 -7.21
N GLU B 272 -11.53 13.90 -7.52
CA GLU B 272 -11.69 13.39 -8.89
C GLU B 272 -12.85 12.40 -9.01
N THR B 273 -13.51 12.39 -10.18
CA THR B 273 -14.72 11.60 -10.40
C THR B 273 -14.45 10.17 -10.88
N ASN B 274 -13.22 9.94 -11.34
CA ASN B 274 -12.90 8.67 -11.97
C ASN B 274 -11.87 7.88 -11.16
N LYS B 275 -11.65 8.29 -9.92
CA LYS B 275 -10.65 7.68 -9.06
C LYS B 275 -11.34 7.03 -7.87
N PHE B 276 -11.35 5.70 -7.85
CA PHE B 276 -12.08 4.95 -6.83
C PHE B 276 -11.12 4.22 -5.91
N THR B 277 -10.91 4.80 -4.73
CA THR B 277 -9.86 4.31 -3.83
C THR B 277 -10.43 3.59 -2.61
N HIS B 278 -11.66 3.91 -2.24
CA HIS B 278 -12.26 3.38 -1.03
C HIS B 278 -13.71 3.01 -1.27
N ALA B 279 -14.10 1.85 -0.74
CA ALA B 279 -15.45 1.32 -0.91
C ALA B 279 -16.26 1.52 0.35
N VAL B 280 -17.49 2.00 0.20
CA VAL B 280 -18.37 2.27 1.34
C VAL B 280 -19.81 1.89 1.02
N LEU B 281 -20.75 2.34 1.83
CA LEU B 281 -22.13 1.93 1.68
C LEU B 281 -23.06 3.10 1.95
N ILE B 282 -23.75 3.56 0.91
CA ILE B 282 -24.68 4.68 1.04
C ILE B 282 -25.93 4.14 1.70
N VAL B 283 -26.35 4.74 2.81
CA VAL B 283 -27.52 4.25 3.54
C VAL B 283 -28.68 5.25 3.51
N GLY B 284 -28.44 6.39 2.87
CA GLY B 284 -29.43 7.45 2.80
C GLY B 284 -28.92 8.71 2.16
N TYR B 285 -29.73 9.75 2.25
CA TYR B 285 -29.45 11.04 1.64
C TYR B 285 -30.30 12.14 2.29
N GLY B 286 -29.85 13.38 2.15
CA GLY B 286 -30.59 14.49 2.71
C GLY B 286 -29.98 15.82 2.33
N ASN B 287 -30.22 16.81 3.17
N ASN B 287 -30.19 16.80 3.20
CA ASN B 287 -29.72 18.16 2.97
CA ASN B 287 -29.77 18.17 2.97
C ASN B 287 -29.46 18.80 4.32
C ASN B 287 -29.49 18.84 4.31
N GLU B 288 -28.35 19.51 4.42
CA GLU B 288 -28.06 20.32 5.60
C GLU B 288 -27.27 21.55 5.20
N ASN B 289 -27.63 22.68 5.83
CA ASN B 289 -26.97 23.97 5.60
C ASN B 289 -26.91 24.37 4.13
N GLY B 290 -27.99 24.07 3.40
CA GLY B 290 -28.08 24.40 1.98
C GLY B 290 -27.19 23.54 1.11
N GLN B 291 -27.07 22.26 1.44
CA GLN B 291 -26.30 21.35 0.61
C GLN B 291 -26.85 19.93 0.69
N ASP B 292 -27.19 19.38 -0.47
CA ASP B 292 -27.61 17.99 -0.58
C ASP B 292 -26.44 17.08 -0.23
N TYR B 293 -26.72 15.94 0.39
CA TYR B 293 -25.66 15.01 0.75
C TYR B 293 -26.14 13.57 0.64
N TRP B 294 -25.17 12.67 0.50
CA TRP B 294 -25.34 11.25 0.67
C TRP B 294 -24.94 10.94 2.09
N LEU B 295 -25.70 10.06 2.75
CA LEU B 295 -25.32 9.54 4.06
C LEU B 295 -24.68 8.17 3.89
N VAL B 296 -23.49 8.02 4.44
CA VAL B 296 -22.67 6.88 4.07
C VAL B 296 -22.05 6.20 5.30
N LYS B 297 -22.11 4.88 5.31
CA LYS B 297 -21.52 4.05 6.35
C LYS B 297 -20.09 3.70 5.97
N ASN B 298 -19.15 3.95 6.88
CA ASN B 298 -17.76 3.58 6.67
C ASN B 298 -17.43 2.29 7.43
N SER B 299 -16.20 1.78 7.25
CA SER B 299 -15.76 0.55 7.90
C SER B 299 -14.47 0.76 8.69
N TRP B 300 -14.36 1.92 9.34
CA TRP B 300 -13.19 2.29 10.15
C TRP B 300 -13.51 2.38 11.65
N GLY B 301 -14.55 1.67 12.09
CA GLY B 301 -14.98 1.70 13.47
C GLY B 301 -15.96 2.81 13.78
N ASP B 302 -16.73 2.63 14.84
CA ASP B 302 -17.73 3.64 15.24
C ASP B 302 -17.10 4.86 15.90
N GLY B 303 -15.79 4.84 16.07
CA GLY B 303 -15.04 5.99 16.59
C GLY B 303 -14.72 7.02 15.53
N TRP B 304 -14.78 6.60 14.26
CA TRP B 304 -14.43 7.47 13.16
C TRP B 304 -15.65 8.26 12.67
N GLY B 305 -15.44 9.53 12.33
CA GLY B 305 -16.49 10.34 11.72
C GLY B 305 -17.67 10.50 12.66
N LEU B 306 -18.88 10.39 12.13
CA LEU B 306 -20.09 10.54 12.92
C LEU B 306 -20.58 9.14 13.31
N ASP B 307 -20.04 8.63 14.41
CA ASP B 307 -20.32 7.26 14.87
C ASP B 307 -20.17 6.22 13.75
N GLY B 308 -19.15 6.41 12.92
CA GLY B 308 -18.82 5.47 11.84
C GLY B 308 -19.36 5.87 10.47
N TYR B 309 -20.18 6.93 10.44
CA TYR B 309 -20.77 7.41 9.21
C TYR B 309 -20.17 8.75 8.78
N PHE B 310 -20.42 9.11 7.52
CA PHE B 310 -20.06 10.43 7.02
C PHE B 310 -21.09 10.89 6.00
N LYS B 311 -21.10 12.20 5.76
N LYS B 311 -21.12 12.21 5.79
CA LYS B 311 -21.95 12.79 4.73
CA LYS B 311 -21.92 12.78 4.72
C LYS B 311 -21.06 13.42 3.66
C LYS B 311 -20.98 13.29 3.65
N ILE B 312 -21.44 13.23 2.40
CA ILE B 312 -20.64 13.69 1.27
C ILE B 312 -21.57 14.35 0.26
N ALA B 313 -21.09 15.41 -0.39
CA ALA B 313 -21.92 16.24 -1.27
C ALA B 313 -22.64 15.40 -2.32
N ARG B 314 -23.94 15.67 -2.47
CA ARG B 314 -24.80 15.01 -3.45
C ARG B 314 -25.31 16.05 -4.43
N ASN B 315 -25.56 15.62 -5.67
CA ASN B 315 -25.98 16.51 -6.75
C ASN B 315 -24.94 17.61 -7.00
N ALA B 316 -23.69 17.26 -6.78
CA ALA B 316 -22.57 18.17 -6.98
C ALA B 316 -21.66 17.56 -8.05
N ASN B 317 -22.25 17.21 -9.19
CA ASN B 317 -21.55 16.62 -10.32
C ASN B 317 -20.73 15.35 -9.96
N ASN B 318 -21.39 14.43 -9.26
CA ASN B 318 -20.78 13.15 -8.97
C ASN B 318 -19.51 13.34 -8.13
N HIS B 319 -19.66 14.10 -7.04
CA HIS B 319 -18.52 14.51 -6.25
C HIS B 319 -17.72 13.31 -5.74
N CYS B 320 -16.42 13.34 -6.05
CA CYS B 320 -15.46 12.29 -5.67
C CYS B 320 -15.77 10.96 -6.32
N GLY B 321 -16.62 10.98 -7.36
CA GLY B 321 -17.03 9.76 -8.06
C GLY B 321 -17.97 8.89 -7.26
N ILE B 322 -18.62 9.48 -6.26
CA ILE B 322 -19.47 8.73 -5.29
C ILE B 322 -20.60 7.94 -5.98
N ALA B 323 -21.09 8.44 -7.12
CA ALA B 323 -22.16 7.74 -7.84
C ALA B 323 -21.67 6.91 -9.03
N GLY B 324 -20.35 6.85 -9.21
CA GLY B 324 -19.75 6.23 -10.40
C GLY B 324 -19.78 4.72 -10.52
N VAL B 325 -19.72 4.04 -9.38
CA VAL B 325 -19.68 2.58 -9.38
C VAL B 325 -20.62 2.01 -8.30
N ALA B 326 -21.91 2.33 -8.42
CA ALA B 326 -22.90 1.97 -7.43
C ALA B 326 -23.54 0.64 -7.78
N SER B 327 -23.61 -0.26 -6.80
CA SER B 327 -24.28 -1.54 -7.02
C SER B 327 -25.01 -2.05 -5.77
N VAL B 328 -26.02 -2.90 -5.98
CA VAL B 328 -26.82 -3.50 -4.92
C VAL B 328 -26.85 -5.02 -5.18
N PRO B 329 -26.47 -5.84 -4.18
CA PRO B 329 -26.60 -7.28 -4.41
C PRO B 329 -28.07 -7.70 -4.37
N THR B 330 -28.37 -8.82 -5.03
N THR B 330 -28.41 -8.78 -5.07
CA THR B 330 -29.71 -9.39 -5.12
CA THR B 330 -29.76 -9.30 -4.98
C THR B 330 -29.76 -10.75 -4.41
C THR B 330 -29.76 -10.71 -4.39
N LEU B 331 -30.77 -10.96 -3.56
CA LEU B 331 -30.93 -12.25 -2.90
C LEU B 331 -31.52 -13.29 -3.87
#